data_3K40
#
_entry.id   3K40
#
_cell.length_a   105.809
_cell.length_b   108.597
_cell.length_c   86.294
_cell.angle_alpha   90.00
_cell.angle_beta   90.00
_cell.angle_gamma   90.00
#
_symmetry.space_group_name_H-M   'P 21 21 2'
#
loop_
_entity.id
_entity.type
_entity.pdbx_description
1 polymer 'Aromatic-L-amino-acid decarboxylase'
2 non-polymer GLYCEROL
3 water water
#
_entity_poly.entity_id   1
_entity_poly.type   'polypeptide(L)'
_entity_poly.pdbx_seq_one_letter_code
;MEAPEFKDFAKTMVDFIAEYLENIRERRVLPEVKPGYLKPLIPDAAPEKPEKWQDVMQDIERVIMPGVTHWHSPKFHAYF
PTANSYPAIVADMLSGAIACIGFTWIASPACTELEVVMMDWLGKMLELPAEFLACSGGKGGGVIQGTASESTLVALLGAK
AKKLKEVKELHPEWDEHTILGKLVGYCSDQAHSSVERAGLLGGVKLRSVQSENHRMRGAALEKAIEQDVAEGLIPFYAVV
TLGTTNSCAFDYLDECGPVGNKHNLWIHVDAAYAGSAFICPEYRHLMKGIESADSFNFNPH(LLP)WMLVNFDCSAMWLK
DPSWVVNAFNVDPLYLKHDMQGSAPDYRHWQIPLGRRFRALKLWFVLRLYGVENLQAHIRRHCNFAKQFGDLCVADSRFE
LAAEINMGLVCFRLKGSNERNEALLKRINGRGHIHLVPAKIKDVYFLRMAICSRFTQSEDMEYSWKEVSAAADEMEQEQ
;
_entity_poly.pdbx_strand_id   A,B
#
# COMPACT_ATOMS: atom_id res chain seq x y z
N MET A 1 11.02 -14.05 -20.42
CA MET A 1 11.62 -12.88 -21.13
C MET A 1 13.04 -12.62 -20.64
N GLU A 2 13.95 -12.48 -21.60
CA GLU A 2 15.35 -12.24 -21.32
C GLU A 2 15.65 -10.76 -21.44
N ALA A 3 16.85 -10.36 -20.99
CA ALA A 3 17.21 -8.94 -20.99
C ALA A 3 17.11 -8.19 -22.34
N PRO A 4 17.60 -8.78 -23.44
CA PRO A 4 17.51 -8.03 -24.71
C PRO A 4 16.07 -7.66 -25.10
N GLU A 5 15.16 -8.63 -24.94
CA GLU A 5 13.73 -8.38 -25.22
C GLU A 5 13.16 -7.39 -24.22
N PHE A 6 13.54 -7.55 -22.95
CA PHE A 6 13.11 -6.55 -21.95
C PHE A 6 13.54 -5.15 -22.38
N LYS A 7 14.80 -5.01 -22.77
CA LYS A 7 15.26 -3.67 -23.17
C LYS A 7 14.44 -3.10 -24.33
N ASP A 8 14.18 -3.91 -25.35
CA ASP A 8 13.40 -3.42 -26.50
C ASP A 8 11.99 -2.98 -26.05
N PHE A 9 11.36 -3.83 -25.24
CA PHE A 9 9.99 -3.60 -24.70
C PHE A 9 9.96 -2.35 -23.81
N ALA A 10 10.84 -2.32 -22.83
CA ALA A 10 10.89 -1.18 -21.92
C ALA A 10 11.17 0.14 -22.65
N LYS A 11 12.08 0.14 -23.62
CA LYS A 11 12.41 1.40 -24.28
C LYS A 11 11.25 1.88 -25.18
N THR A 12 10.58 0.91 -25.80
CA THR A 12 9.34 1.18 -26.53
C THR A 12 8.24 1.77 -25.62
N MET A 13 8.13 1.25 -24.40
CA MET A 13 7.16 1.76 -23.44
C MET A 13 7.54 3.18 -23.00
N VAL A 14 8.83 3.47 -22.88
CA VAL A 14 9.31 4.84 -22.62
C VAL A 14 8.79 5.78 -23.71
N ASP A 15 8.95 5.37 -24.97
CA ASP A 15 8.44 6.15 -26.09
C ASP A 15 6.91 6.35 -25.96
N PHE A 16 6.22 5.27 -25.64
CA PHE A 16 4.75 5.31 -25.52
C PHE A 16 4.29 6.30 -24.44
N ILE A 17 4.94 6.22 -23.28
CA ILE A 17 4.57 7.10 -22.16
C ILE A 17 4.77 8.58 -22.50
N ALA A 18 5.92 8.91 -23.08
CA ALA A 18 6.18 10.28 -23.48
C ALA A 18 5.14 10.75 -24.52
N GLU A 19 4.86 9.91 -25.52
CA GLU A 19 3.84 10.25 -26.54
C GLU A 19 2.50 10.48 -25.91
N TYR A 20 2.14 9.63 -24.95
CA TYR A 20 0.85 9.73 -24.29
C TYR A 20 0.73 11.06 -23.53
N LEU A 21 1.70 11.34 -22.66
CA LEU A 21 1.61 12.54 -21.79
C LEU A 21 1.82 13.88 -22.54
N GLU A 22 2.75 13.91 -23.49
CA GLU A 22 3.06 15.14 -24.19
C GLU A 22 1.92 15.53 -25.11
N ASN A 23 1.06 14.57 -25.44
CA ASN A 23 -0.07 14.83 -26.37
C ASN A 23 -1.40 14.59 -25.71
N ILE A 24 -1.42 14.76 -24.39
CA ILE A 24 -2.59 14.33 -23.62
C ILE A 24 -3.85 15.16 -23.92
N ARG A 25 -3.64 16.38 -24.40
CA ARG A 25 -4.80 17.25 -24.77
C ARG A 25 -5.59 16.68 -25.94
N GLU A 26 -5.04 15.69 -26.64
CA GLU A 26 -5.76 15.03 -27.73
C GLU A 26 -6.79 14.03 -27.25
N ARG A 27 -6.66 13.61 -26.01
CA ARG A 27 -7.50 12.55 -25.46
C ARG A 27 -8.90 13.09 -25.08
N ARG A 28 -9.93 12.28 -25.28
CA ARG A 28 -11.30 12.71 -24.92
C ARG A 28 -11.51 12.40 -23.46
N VAL A 29 -12.21 13.29 -22.76
CA VAL A 29 -12.42 13.06 -21.33
C VAL A 29 -13.55 12.08 -21.01
N LEU A 30 -14.49 11.88 -21.93
CA LEU A 30 -15.48 10.80 -21.80
C LEU A 30 -15.11 9.61 -22.69
N PRO A 31 -14.98 8.41 -22.08
CA PRO A 31 -14.68 7.21 -22.87
C PRO A 31 -15.77 6.92 -23.89
N GLU A 32 -15.36 6.47 -25.08
CA GLU A 32 -16.31 6.15 -26.14
C GLU A 32 -16.94 4.77 -25.92
N VAL A 33 -16.18 3.86 -25.32
CA VAL A 33 -16.62 2.49 -25.09
C VAL A 33 -17.61 2.40 -23.92
N LYS A 34 -18.39 1.32 -23.90
CA LYS A 34 -19.38 1.08 -22.85
C LYS A 34 -18.86 0.07 -21.83
N PRO A 35 -19.31 0.18 -20.58
CA PRO A 35 -19.05 -0.89 -19.62
C PRO A 35 -19.30 -2.25 -20.24
N GLY A 36 -18.39 -3.19 -20.01
CA GLY A 36 -18.47 -4.54 -20.58
C GLY A 36 -17.72 -4.71 -21.89
N TYR A 37 -17.10 -3.65 -22.38
CA TYR A 37 -16.36 -3.63 -23.65
C TYR A 37 -15.09 -4.51 -23.70
N LEU A 38 -14.50 -4.79 -22.53
CA LEU A 38 -13.15 -5.37 -22.48
C LEU A 38 -13.11 -6.89 -22.67
N LYS A 39 -13.98 -7.60 -21.95
CA LYS A 39 -13.95 -9.06 -21.97
C LYS A 39 -13.91 -9.61 -23.40
N PRO A 40 -14.82 -9.13 -24.28
CA PRO A 40 -14.82 -9.54 -25.69
C PRO A 40 -13.51 -9.41 -26.42
N LEU A 41 -12.62 -8.52 -25.97
CA LEU A 41 -11.43 -8.19 -26.74
C LEU A 41 -10.22 -9.05 -26.43
N ILE A 42 -10.30 -9.84 -25.37
CA ILE A 42 -9.20 -10.70 -24.94
C ILE A 42 -9.68 -12.12 -24.61
N PRO A 43 -8.78 -13.12 -24.70
CA PRO A 43 -9.12 -14.54 -24.50
C PRO A 43 -9.66 -14.86 -23.10
N ASP A 44 -10.29 -16.02 -22.97
CA ASP A 44 -10.96 -16.38 -21.72
C ASP A 44 -10.04 -17.09 -20.73
N ALA A 45 -8.82 -17.39 -21.18
CA ALA A 45 -7.82 -18.07 -20.36
C ALA A 45 -6.44 -17.50 -20.67
N ALA A 46 -5.50 -17.62 -19.74
CA ALA A 46 -4.11 -17.24 -19.95
C ALA A 46 -3.46 -18.15 -21.01
N PRO A 47 -2.46 -17.62 -21.76
CA PRO A 47 -1.82 -18.44 -22.78
C PRO A 47 -0.94 -19.52 -22.17
N GLU A 48 -0.93 -20.71 -22.79
CA GLU A 48 -0.02 -21.75 -22.32
C GLU A 48 1.42 -21.40 -22.62
N LYS A 49 1.66 -20.82 -23.79
CA LYS A 49 3.00 -20.43 -24.24
C LYS A 49 3.16 -18.90 -24.19
N PRO A 50 4.40 -18.40 -24.04
CA PRO A 50 4.63 -16.95 -23.98
C PRO A 50 4.26 -16.21 -25.26
N GLU A 51 3.59 -15.07 -25.09
CA GLU A 51 3.23 -14.23 -26.23
C GLU A 51 4.37 -13.23 -26.49
N LYS A 52 4.24 -12.43 -27.55
CA LYS A 52 5.27 -11.46 -27.93
C LYS A 52 4.96 -10.11 -27.28
N TRP A 53 5.98 -9.43 -26.76
CA TRP A 53 5.79 -8.11 -26.20
C TRP A 53 5.19 -7.13 -27.20
N GLN A 54 5.56 -7.26 -28.48
CA GLN A 54 5.03 -6.37 -29.53
C GLN A 54 3.51 -6.48 -29.60
N ASP A 55 3.01 -7.68 -29.36
CA ASP A 55 1.55 -7.85 -29.35
C ASP A 55 0.89 -7.28 -28.09
N VAL A 56 1.55 -7.40 -26.95
CA VAL A 56 1.05 -6.73 -25.73
C VAL A 56 1.02 -5.21 -25.98
N MET A 57 2.14 -4.69 -26.49
CA MET A 57 2.30 -3.27 -26.79
C MET A 57 1.18 -2.76 -27.70
N GLN A 58 0.84 -3.55 -28.72
CA GLN A 58 -0.25 -3.20 -29.63
C GLN A 58 -1.60 -3.16 -28.93
N ASP A 59 -1.76 -4.01 -27.92
CA ASP A 59 -3.02 -4.06 -27.18
C ASP A 59 -3.25 -2.87 -26.26
N ILE A 60 -2.21 -2.08 -25.98
CA ILE A 60 -2.41 -0.90 -25.11
C ILE A 60 -3.43 0.07 -25.73
N GLU A 61 -3.20 0.54 -26.95
CA GLU A 61 -4.22 1.39 -27.62
C GLU A 61 -5.50 0.63 -28.00
N ARG A 62 -5.35 -0.63 -28.38
CA ARG A 62 -6.52 -1.42 -28.80
C ARG A 62 -7.48 -1.77 -27.67
N VAL A 63 -6.93 -2.24 -26.55
CA VAL A 63 -7.74 -2.79 -25.45
C VAL A 63 -7.83 -1.85 -24.24
N ILE A 64 -6.74 -1.17 -23.92
CA ILE A 64 -6.66 -0.45 -22.65
C ILE A 64 -7.14 1.00 -22.75
N MET A 65 -6.51 1.75 -23.63
CA MET A 65 -6.68 3.20 -23.66
C MET A 65 -8.12 3.68 -23.92
N PRO A 66 -8.93 2.92 -24.69
CA PRO A 66 -10.32 3.34 -24.84
C PRO A 66 -11.11 3.36 -23.53
N GLY A 67 -10.70 2.54 -22.56
CA GLY A 67 -11.39 2.47 -21.28
C GLY A 67 -10.74 3.23 -20.14
N VAL A 68 -9.68 3.96 -20.44
CA VAL A 68 -8.92 4.68 -19.43
C VAL A 68 -9.56 6.05 -19.11
N THR A 69 -9.57 6.41 -17.83
CA THR A 69 -9.88 7.78 -17.45
C THR A 69 -8.57 8.58 -17.48
N HIS A 70 -8.57 9.68 -18.19
CA HIS A 70 -7.33 10.49 -18.34
C HIS A 70 -7.14 11.53 -17.23
N TRP A 71 -6.72 11.04 -16.06
CA TRP A 71 -6.48 11.86 -14.84
C TRP A 71 -5.51 13.02 -15.07
N HIS A 72 -4.58 12.86 -15.99
CA HIS A 72 -3.59 13.91 -16.18
C HIS A 72 -3.98 14.89 -17.28
N SER A 73 -5.20 14.77 -17.84
CA SER A 73 -5.64 15.75 -18.84
C SER A 73 -5.98 17.06 -18.11
N PRO A 74 -5.51 18.20 -18.63
CA PRO A 74 -5.90 19.50 -18.05
C PRO A 74 -7.39 19.80 -18.22
N LYS A 75 -8.12 18.96 -18.96
CA LYS A 75 -9.59 19.14 -19.08
C LYS A 75 -10.33 18.37 -17.96
N PHE A 76 -9.55 17.57 -17.20
CA PHE A 76 -10.14 16.70 -16.20
C PHE A 76 -9.85 17.21 -14.77
N HIS A 77 -10.91 17.62 -14.08
CA HIS A 77 -10.79 18.13 -12.74
C HIS A 77 -11.32 17.07 -11.77
N ALA A 78 -10.42 16.17 -11.34
CA ALA A 78 -10.76 15.17 -10.33
C ALA A 78 -10.85 15.79 -8.93
N TYR A 79 -11.03 14.98 -7.89
CA TYR A 79 -11.11 15.56 -6.54
C TYR A 79 -9.86 16.36 -6.14
N PHE A 80 -8.70 15.73 -6.33
CA PHE A 80 -7.42 16.42 -6.08
C PHE A 80 -6.43 15.89 -7.12
N PRO A 81 -5.27 16.56 -7.27
CA PRO A 81 -4.26 16.03 -8.21
C PRO A 81 -3.75 14.64 -7.85
N THR A 82 -3.49 13.84 -8.89
CA THR A 82 -2.68 12.61 -8.76
C THR A 82 -1.29 12.94 -9.32
N ALA A 83 -0.27 12.86 -8.48
CA ALA A 83 1.04 13.27 -8.92
C ALA A 83 1.52 12.33 -9.99
N ASN A 84 2.18 12.93 -10.96
CA ASN A 84 2.93 12.22 -11.94
C ASN A 84 4.09 13.15 -12.30
N SER A 85 5.29 12.59 -12.39
CA SER A 85 6.37 13.32 -12.99
C SER A 85 7.35 12.34 -13.65
N TYR A 86 8.13 12.86 -14.59
CA TYR A 86 9.10 11.99 -15.29
C TYR A 86 10.16 11.46 -14.32
N PRO A 87 10.73 12.33 -13.43
CA PRO A 87 11.74 11.81 -12.48
C PRO A 87 11.22 10.69 -11.61
N ALA A 88 9.95 10.79 -11.17
CA ALA A 88 9.40 9.71 -10.33
C ALA A 88 9.17 8.39 -11.08
N ILE A 89 8.79 8.48 -12.37
CA ILE A 89 8.61 7.28 -13.19
C ILE A 89 9.95 6.54 -13.25
N VAL A 90 11.05 7.27 -13.48
CA VAL A 90 12.38 6.64 -13.60
C VAL A 90 12.82 6.03 -12.28
N ALA A 91 12.55 6.71 -11.17
CA ALA A 91 12.92 6.14 -9.88
C ALA A 91 12.18 4.85 -9.63
N ASP A 92 10.89 4.84 -9.95
CA ASP A 92 10.07 3.65 -9.68
C ASP A 92 10.49 2.45 -10.52
N MET A 93 11.07 2.71 -11.69
CA MET A 93 11.67 1.61 -12.50
C MET A 93 12.75 0.91 -11.69
N LEU A 94 13.62 1.72 -11.08
CA LEU A 94 14.73 1.20 -10.26
C LEU A 94 14.19 0.54 -8.99
N SER A 95 13.26 1.19 -8.27
CA SER A 95 12.64 0.61 -7.06
C SER A 95 12.01 -0.73 -7.38
N GLY A 96 11.39 -0.81 -8.56
CA GLY A 96 10.79 -2.06 -9.01
C GLY A 96 11.79 -3.20 -9.03
N ALA A 97 13.02 -2.89 -9.44
CA ALA A 97 14.09 -3.88 -9.60
C ALA A 97 14.83 -4.25 -8.32
N ILE A 98 14.89 -3.33 -7.36
CA ILE A 98 15.70 -3.50 -6.12
C ILE A 98 14.96 -3.48 -4.77
N ALA A 99 13.74 -2.99 -4.72
CA ALA A 99 13.00 -2.89 -3.45
C ALA A 99 12.33 -4.21 -3.05
N CYS A 100 11.92 -4.30 -1.79
CA CYS A 100 10.97 -5.35 -1.39
C CYS A 100 9.86 -4.74 -0.55
N ILE A 101 8.74 -5.46 -0.46
CA ILE A 101 7.57 -4.98 0.26
C ILE A 101 7.82 -4.84 1.78
N GLY A 102 8.81 -5.60 2.27
CA GLY A 102 9.23 -5.55 3.68
C GLY A 102 8.72 -6.72 4.50
N PHE A 103 8.50 -7.87 3.86
CA PHE A 103 8.04 -9.03 4.62
C PHE A 103 9.19 -9.52 5.52
N THR A 104 10.32 -9.87 4.89
CA THR A 104 11.55 -10.12 5.64
C THR A 104 12.16 -8.75 6.01
N TRP A 105 12.39 -8.56 7.31
CA TRP A 105 12.84 -7.28 7.87
C TRP A 105 14.01 -6.65 7.08
N ILE A 106 13.80 -5.43 6.59
CA ILE A 106 14.83 -4.72 5.82
C ILE A 106 15.88 -4.08 6.74
N ALA A 107 17.07 -4.69 6.75
CA ALA A 107 18.19 -4.18 7.55
C ALA A 107 19.18 -3.36 6.69
N SER A 108 18.71 -2.87 5.55
CA SER A 108 19.57 -2.31 4.48
C SER A 108 19.86 -0.82 4.71
N PRO A 109 21.16 -0.44 4.80
CA PRO A 109 21.55 0.94 5.04
C PRO A 109 21.00 1.95 4.00
N ALA A 110 21.02 1.59 2.71
CA ALA A 110 20.63 2.56 1.67
C ALA A 110 19.17 2.95 1.80
N CYS A 111 18.29 1.96 1.96
CA CYS A 111 16.83 2.21 2.02
C CYS A 111 16.50 3.11 3.22
N THR A 112 17.06 2.73 4.36
CA THR A 112 16.79 3.43 5.60
C THR A 112 17.43 4.82 5.63
N GLU A 113 18.72 4.90 5.31
CA GLU A 113 19.43 6.18 5.40
C GLU A 113 18.96 7.20 4.37
N LEU A 114 18.64 6.75 3.16
CA LEU A 114 18.14 7.73 2.20
C LEU A 114 16.81 8.29 2.69
N GLU A 115 15.99 7.44 3.29
CA GLU A 115 14.69 7.91 3.78
C GLU A 115 14.88 8.98 4.87
N VAL A 116 15.84 8.77 5.77
CA VAL A 116 16.10 9.75 6.84
C VAL A 116 16.53 11.09 6.25
N VAL A 117 17.48 11.08 5.32
CA VAL A 117 17.99 12.32 4.71
C VAL A 117 16.86 13.00 3.90
N MET A 118 16.11 12.23 3.12
CA MET A 118 15.04 12.87 2.28
C MET A 118 13.97 13.54 3.15
N MET A 119 13.65 12.91 4.27
CA MET A 119 12.66 13.53 5.17
C MET A 119 13.21 14.78 5.81
N ASP A 120 14.53 14.82 6.00
CA ASP A 120 15.16 16.07 6.46
C ASP A 120 15.15 17.12 5.38
N TRP A 121 15.43 16.74 4.13
CA TRP A 121 15.40 17.70 3.00
C TRP A 121 14.01 18.30 2.91
N LEU A 122 13.00 17.43 2.95
CA LEU A 122 11.62 17.88 2.77
C LEU A 122 11.14 18.65 3.99
N GLY A 123 11.54 18.21 5.20
CA GLY A 123 11.20 18.91 6.42
C GLY A 123 11.80 20.32 6.44
N LYS A 124 13.03 20.46 5.98
CA LYS A 124 13.63 21.82 5.84
C LYS A 124 12.88 22.67 4.82
N MET A 125 12.43 22.03 3.75
CA MET A 125 11.69 22.76 2.72
C MET A 125 10.42 23.35 3.28
N LEU A 126 9.80 22.63 4.21
CA LEU A 126 8.57 23.08 4.87
C LEU A 126 8.80 23.96 6.08
N GLU A 127 10.07 24.25 6.36
CA GLU A 127 10.45 24.92 7.62
C GLU A 127 9.81 24.29 8.87
N LEU A 128 9.86 22.95 8.96
CA LEU A 128 9.30 22.31 10.12
C LEU A 128 10.17 22.62 11.32
N PRO A 129 9.56 22.67 12.51
CA PRO A 129 10.34 22.82 13.74
C PRO A 129 11.49 21.80 13.81
N ALA A 130 12.62 22.21 14.41
CA ALA A 130 13.80 21.36 14.48
C ALA A 130 13.53 20.01 15.13
N GLU A 131 12.53 19.97 16.02
CA GLU A 131 12.13 18.76 16.77
C GLU A 131 11.68 17.61 15.86
N PHE A 132 11.32 17.96 14.63
CA PHE A 132 10.90 16.95 13.64
C PHE A 132 12.04 16.49 12.74
N LEU A 133 13.20 17.13 12.81
CA LEU A 133 14.31 16.86 11.91
C LEU A 133 15.30 15.87 12.54
N ALA A 134 15.64 14.80 11.83
CA ALA A 134 16.60 13.81 12.38
C ALA A 134 17.95 14.45 12.60
N CYS A 135 18.31 15.38 11.71
CA CYS A 135 19.64 16.01 11.72
C CYS A 135 19.82 16.96 12.91
N SER A 136 18.74 17.25 13.63
CA SER A 136 18.84 18.03 14.87
C SER A 136 19.41 17.18 16.03
N GLY A 137 19.42 15.85 15.88
CA GLY A 137 19.97 14.94 16.89
C GLY A 137 19.06 14.53 18.03
N GLY A 138 17.80 14.94 17.96
CA GLY A 138 16.79 14.56 18.95
C GLY A 138 16.14 13.20 18.67
N LYS A 139 14.96 12.98 19.24
CA LYS A 139 14.19 11.75 19.11
C LYS A 139 13.37 11.80 17.81
N GLY A 140 13.18 13.00 17.30
CA GLY A 140 12.29 13.24 16.13
C GLY A 140 12.80 12.75 14.79
N GLY A 141 11.87 12.55 13.84
CA GLY A 141 12.28 12.25 12.47
C GLY A 141 11.06 11.97 11.64
N GLY A 142 11.26 11.41 10.46
CA GLY A 142 10.10 11.11 9.63
C GLY A 142 10.16 9.74 8.99
N VAL A 143 9.02 9.34 8.44
CA VAL A 143 8.89 8.08 7.72
C VAL A 143 8.03 8.35 6.51
N ILE A 144 8.29 7.65 5.41
CA ILE A 144 7.40 7.74 4.27
C ILE A 144 6.38 6.60 4.34
N GLN A 145 5.13 6.92 4.54
CA GLN A 145 4.04 5.97 4.59
C GLN A 145 3.44 5.87 3.16
N GLY A 146 2.47 4.98 3.01
CA GLY A 146 1.81 4.79 1.72
C GLY A 146 0.70 5.79 1.48
N THR A 147 -0.07 6.11 2.53
CA THR A 147 -1.25 6.95 2.35
C THR A 147 -1.44 7.81 3.60
N ALA A 148 -2.20 8.89 3.46
CA ALA A 148 -2.50 9.72 4.64
C ALA A 148 -3.43 8.95 5.56
N SER A 149 -4.23 8.06 4.97
CA SER A 149 -5.17 7.22 5.76
C SER A 149 -4.35 6.34 6.71
N GLU A 150 -3.28 5.75 6.18
CA GLU A 150 -2.38 4.94 6.99
C GLU A 150 -1.68 5.80 8.03
N SER A 151 -1.24 6.99 7.63
CA SER A 151 -0.54 7.89 8.56
C SER A 151 -1.41 8.27 9.77
N THR A 152 -2.68 8.65 9.50
CA THR A 152 -3.64 8.95 10.55
C THR A 152 -3.86 7.77 11.53
N LEU A 153 -3.98 6.56 10.96
CA LEU A 153 -4.12 5.35 11.80
C LEU A 153 -2.88 5.09 12.64
N VAL A 154 -1.71 5.15 12.01
CA VAL A 154 -0.42 4.95 12.70
C VAL A 154 -0.26 5.93 13.87
N ALA A 155 -0.61 7.18 13.63
CA ALA A 155 -0.52 8.16 14.72
C ALA A 155 -1.55 7.89 15.84
N LEU A 156 -2.74 7.45 15.47
CA LEU A 156 -3.79 7.14 16.46
C LEU A 156 -3.28 5.97 17.32
N LEU A 157 -2.70 4.96 16.68
CA LEU A 157 -2.19 3.78 17.43
C LEU A 157 -1.07 4.16 18.37
N GLY A 158 -0.17 5.05 17.92
CA GLY A 158 0.92 5.58 18.76
C GLY A 158 0.36 6.36 19.93
N ALA A 159 -0.59 7.26 19.66
CA ALA A 159 -1.26 8.01 20.71
C ALA A 159 -1.94 7.07 21.72
N LYS A 160 -2.58 6.01 21.21
CA LYS A 160 -3.26 5.03 22.05
C LYS A 160 -2.27 4.34 23.02
N ALA A 161 -1.17 3.85 22.46
CA ALA A 161 -0.10 3.22 23.25
C ALA A 161 0.47 4.17 24.30
N LYS A 162 0.68 5.42 23.89
CA LYS A 162 1.25 6.42 24.79
C LYS A 162 0.31 6.67 25.95
N LYS A 163 -0.97 6.87 25.63
CA LYS A 163 -1.96 7.15 26.67
C LYS A 163 -2.08 5.91 27.60
N LEU A 164 -2.16 4.72 27.00
CA LEU A 164 -2.19 3.46 27.79
C LEU A 164 -1.07 3.44 28.83
N LYS A 165 0.15 3.67 28.38
CA LYS A 165 1.35 3.62 29.22
C LYS A 165 1.24 4.64 30.35
N GLU A 166 0.85 5.86 29.99
CA GLU A 166 0.72 6.95 30.96
C GLU A 166 -0.41 6.73 31.98
N VAL A 167 -1.53 6.16 31.53
CA VAL A 167 -2.65 5.93 32.43
C VAL A 167 -2.38 4.73 33.36
N LYS A 168 -1.65 3.73 32.85
CA LYS A 168 -1.18 2.60 33.65
C LYS A 168 -0.21 3.07 34.73
N GLU A 169 0.85 3.77 34.31
CA GLU A 169 1.84 4.34 35.24
C GLU A 169 1.18 5.00 36.45
N LEU A 170 0.13 5.76 36.18
CA LEU A 170 -0.56 6.53 37.20
C LEU A 170 -1.63 5.71 37.92
N HIS A 171 -2.07 4.62 37.32
CA HIS A 171 -3.06 3.74 37.95
C HIS A 171 -2.77 2.27 37.67
N PRO A 172 -1.72 1.71 38.33
CA PRO A 172 -1.27 0.33 38.07
C PRO A 172 -2.36 -0.72 38.32
N GLU A 173 -3.39 -0.36 39.08
CA GLU A 173 -4.48 -1.28 39.39
C GLU A 173 -5.49 -1.45 38.24
N TRP A 174 -5.54 -0.49 37.32
CA TRP A 174 -6.47 -0.60 36.19
C TRP A 174 -5.93 -1.55 35.13
N ASP A 175 -6.80 -2.38 34.57
CA ASP A 175 -6.41 -3.24 33.46
C ASP A 175 -6.52 -2.52 32.12
N GLU A 176 -5.92 -3.11 31.11
CA GLU A 176 -5.85 -2.51 29.78
C GLU A 176 -7.22 -2.27 29.19
N HIS A 177 -8.11 -3.25 29.30
CA HIS A 177 -9.45 -3.15 28.71
C HIS A 177 -10.25 -1.97 29.28
N THR A 178 -10.07 -1.73 30.58
CA THR A 178 -10.76 -0.62 31.24
C THR A 178 -10.24 0.72 30.70
N ILE A 179 -8.92 0.87 30.64
CA ILE A 179 -8.28 2.07 30.12
C ILE A 179 -8.68 2.27 28.65
N LEU A 180 -8.51 1.23 27.83
CA LEU A 180 -8.83 1.30 26.39
C LEU A 180 -10.29 1.61 26.08
N GLY A 181 -11.21 1.12 26.91
CA GLY A 181 -12.63 1.51 26.79
C GLY A 181 -12.99 2.97 27.08
N LYS A 182 -12.07 3.69 27.73
CA LYS A 182 -12.31 5.08 28.08
C LYS A 182 -11.78 6.08 27.03
N LEU A 183 -10.97 5.59 26.10
CA LEU A 183 -10.22 6.50 25.22
C LEU A 183 -11.16 7.18 24.22
N VAL A 184 -11.00 8.50 24.04
CA VAL A 184 -11.79 9.26 23.08
C VAL A 184 -10.87 10.13 22.22
N GLY A 185 -11.04 10.08 20.91
CA GLY A 185 -10.36 11.02 19.99
C GLY A 185 -11.32 12.05 19.37
N TYR A 186 -10.76 13.06 18.69
CA TYR A 186 -11.52 14.20 18.17
C TYR A 186 -11.08 14.55 16.76
N CYS A 187 -12.01 15.05 15.95
CA CYS A 187 -11.66 15.67 14.67
C CYS A 187 -12.77 16.62 14.26
N SER A 188 -12.48 17.46 13.26
CA SER A 188 -13.49 18.40 12.77
C SER A 188 -14.62 17.62 12.09
N ASP A 189 -15.82 18.20 12.03
CA ASP A 189 -16.89 17.56 11.23
C ASP A 189 -16.59 17.58 9.73
N GLN A 190 -15.55 18.33 9.34
CA GLN A 190 -15.09 18.37 7.94
C GLN A 190 -13.86 17.50 7.71
N ALA A 191 -13.45 16.76 8.74
CA ALA A 191 -12.28 15.89 8.59
C ALA A 191 -12.57 14.77 7.58
N HIS A 192 -11.52 14.25 6.93
CA HIS A 192 -11.69 13.14 5.98
C HIS A 192 -12.20 11.85 6.66
N SER A 193 -12.89 11.01 5.88
CA SER A 193 -13.45 9.76 6.40
C SER A 193 -12.35 8.81 6.95
N SER A 194 -11.09 9.05 6.58
CA SER A 194 -10.00 8.23 7.09
C SER A 194 -9.82 8.38 8.59
N VAL A 195 -10.29 9.49 9.16
CA VAL A 195 -10.20 9.63 10.62
C VAL A 195 -11.21 8.70 11.27
N GLU A 196 -12.41 8.68 10.72
CA GLU A 196 -13.42 7.72 11.19
C GLU A 196 -12.90 6.30 11.05
N ARG A 197 -12.29 5.98 9.91
CA ARG A 197 -11.69 4.66 9.68
C ARG A 197 -10.71 4.34 10.80
N ALA A 198 -9.84 5.31 11.10
CA ALA A 198 -8.81 5.11 12.08
C ALA A 198 -9.41 4.87 13.45
N GLY A 199 -10.49 5.60 13.79
CA GLY A 199 -11.18 5.43 15.10
C GLY A 199 -11.71 4.01 15.24
N LEU A 200 -12.31 3.51 14.17
CA LEU A 200 -12.91 2.18 14.14
C LEU A 200 -11.88 1.09 14.28
N LEU A 201 -10.84 1.16 13.44
CA LEU A 201 -9.73 0.19 13.46
C LEU A 201 -8.88 0.29 14.73
N GLY A 202 -8.79 1.49 15.29
CA GLY A 202 -8.06 1.73 16.53
C GLY A 202 -8.87 1.33 17.75
N GLY A 203 -10.16 1.08 17.57
CA GLY A 203 -11.02 0.64 18.66
C GLY A 203 -11.25 1.68 19.74
N VAL A 204 -11.40 2.94 19.32
CA VAL A 204 -11.63 4.02 20.27
C VAL A 204 -12.87 4.81 19.85
N LYS A 205 -13.36 5.66 20.75
CA LYS A 205 -14.44 6.56 20.44
C LYS A 205 -13.88 7.77 19.68
N LEU A 206 -14.62 8.24 18.69
CA LEU A 206 -14.28 9.48 17.97
C LEU A 206 -15.43 10.49 18.06
N ARG A 207 -15.10 11.71 18.44
CA ARG A 207 -16.07 12.79 18.46
C ARG A 207 -15.82 13.73 17.27
N SER A 208 -16.89 14.04 16.55
CA SER A 208 -16.88 15.15 15.58
C SER A 208 -17.09 16.47 16.30
N VAL A 209 -16.19 17.42 16.06
CA VAL A 209 -16.30 18.73 16.64
C VAL A 209 -16.88 19.66 15.61
N GLN A 210 -17.94 20.38 15.97
CA GLN A 210 -18.59 21.28 15.02
C GLN A 210 -17.68 22.41 14.59
N SER A 211 -17.50 22.55 13.28
CA SER A 211 -16.60 23.57 12.75
C SER A 211 -17.35 24.89 12.60
N GLU A 212 -16.60 25.95 12.39
CA GLU A 212 -17.16 27.29 12.23
C GLU A 212 -16.67 27.82 10.88
N ASN A 213 -17.60 28.05 9.94
CA ASN A 213 -17.24 28.44 8.58
C ASN A 213 -16.21 27.41 8.00
N HIS A 214 -16.49 26.13 8.23
CA HIS A 214 -15.67 24.99 7.75
C HIS A 214 -14.36 24.75 8.53
N ARG A 215 -14.10 25.54 9.59
CA ARG A 215 -12.80 25.47 10.32
C ARG A 215 -13.00 25.11 11.81
N MET A 216 -12.25 24.12 12.30
CA MET A 216 -12.36 23.75 13.71
C MET A 216 -11.63 24.79 14.57
N ARG A 217 -12.32 25.27 15.61
CA ARG A 217 -11.76 26.26 16.55
C ARG A 217 -11.26 25.60 17.85
N GLY A 218 -10.21 26.15 18.45
CA GLY A 218 -9.73 25.63 19.73
C GLY A 218 -10.80 25.56 20.83
N ALA A 219 -11.65 26.58 20.92
CA ALA A 219 -12.68 26.62 21.98
C ALA A 219 -13.70 25.50 21.86
N ALA A 220 -14.07 25.17 20.62
CA ALA A 220 -14.97 24.05 20.34
C ALA A 220 -14.31 22.74 20.69
N LEU A 221 -13.05 22.57 20.30
CA LEU A 221 -12.30 21.36 20.64
C LEU A 221 -12.20 21.24 22.16
N GLU A 222 -11.82 22.33 22.81
CA GLU A 222 -11.67 22.30 24.26
C GLU A 222 -12.98 21.94 24.97
N LYS A 223 -14.11 22.46 24.50
CA LYS A 223 -15.43 22.17 25.07
C LYS A 223 -15.72 20.68 25.00
N ALA A 224 -15.44 20.10 23.83
CA ALA A 224 -15.65 18.67 23.60
C ALA A 224 -14.82 17.84 24.57
N ILE A 225 -13.55 18.21 24.72
CA ILE A 225 -12.62 17.51 25.63
C ILE A 225 -13.13 17.55 27.07
N GLU A 226 -13.51 18.74 27.51
CA GLU A 226 -14.03 18.92 28.87
C GLU A 226 -15.26 18.07 29.16
N GLN A 227 -16.19 17.99 28.20
CA GLN A 227 -17.40 17.18 28.38
C GLN A 227 -17.06 15.74 28.60
N ASP A 228 -16.10 15.22 27.84
CA ASP A 228 -15.75 13.82 27.95
C ASP A 228 -15.04 13.54 29.28
N VAL A 229 -14.23 14.50 29.71
CA VAL A 229 -13.59 14.39 31.03
C VAL A 229 -14.66 14.37 32.14
N ALA A 230 -15.71 15.16 31.97
CA ALA A 230 -16.83 15.20 32.95
C ALA A 230 -17.57 13.86 33.00
N GLU A 231 -17.41 13.08 31.96
CA GLU A 231 -18.02 11.77 31.85
C GLU A 231 -17.08 10.65 32.30
N GLY A 232 -15.87 11.03 32.69
CA GLY A 232 -14.88 10.05 33.12
C GLY A 232 -14.11 9.39 31.99
N LEU A 233 -14.32 9.86 30.76
CA LEU A 233 -13.55 9.37 29.61
C LEU A 233 -12.15 10.00 29.55
N ILE A 234 -11.30 9.47 28.68
CA ILE A 234 -9.88 9.86 28.63
C ILE A 234 -9.57 10.34 27.20
N PRO A 235 -9.65 11.66 26.98
CA PRO A 235 -9.26 12.24 25.67
C PRO A 235 -7.80 11.89 25.40
N PHE A 236 -7.46 11.44 24.18
CA PHE A 236 -6.08 11.01 23.93
C PHE A 236 -5.50 11.44 22.57
N TYR A 237 -6.35 11.96 21.68
CA TYR A 237 -5.93 12.14 20.27
C TYR A 237 -6.85 13.12 19.56
N ALA A 238 -6.27 14.00 18.76
CA ALA A 238 -7.09 14.87 17.92
C ALA A 238 -6.41 15.07 16.59
N VAL A 239 -7.22 15.06 15.54
CA VAL A 239 -6.73 15.32 14.19
C VAL A 239 -7.12 16.76 13.82
N VAL A 240 -6.10 17.55 13.47
CA VAL A 240 -6.30 18.93 12.99
C VAL A 240 -6.09 18.87 11.48
N THR A 241 -7.07 19.34 10.71
CA THR A 241 -7.02 19.19 9.25
C THR A 241 -6.63 20.54 8.64
N LEU A 242 -5.55 20.51 7.88
CA LEU A 242 -5.12 21.69 7.13
C LEU A 242 -5.41 21.39 5.66
N GLY A 243 -6.58 21.80 5.19
CA GLY A 243 -6.93 21.60 3.77
C GLY A 243 -7.97 20.50 3.70
N THR A 244 -9.20 20.81 4.13
CA THR A 244 -10.25 19.79 4.15
C THR A 244 -10.60 19.31 2.72
N THR A 245 -11.09 18.07 2.61
CA THR A 245 -11.33 17.51 1.28
C THR A 245 -12.49 18.22 0.54
N ASN A 246 -13.55 18.57 1.28
CA ASN A 246 -14.69 19.25 0.65
C ASN A 246 -14.38 20.62 0.07
N SER A 247 -13.74 21.49 0.85
CA SER A 247 -13.52 22.86 0.39
C SER A 247 -12.10 23.44 0.63
N CYS A 248 -11.17 22.59 1.06
CA CYS A 248 -9.80 23.03 1.36
C CYS A 248 -9.80 24.17 2.41
N ALA A 249 -10.59 23.97 3.45
CA ALA A 249 -10.56 24.85 4.62
C ALA A 249 -9.43 24.43 5.58
N PHE A 250 -9.06 25.34 6.48
CA PHE A 250 -7.96 25.11 7.41
C PHE A 250 -8.42 25.21 8.87
N ASP A 251 -8.30 24.12 9.63
CA ASP A 251 -8.54 24.22 11.08
C ASP A 251 -7.51 25.20 11.68
N TYR A 252 -7.85 25.80 12.83
CA TYR A 252 -6.95 26.75 13.52
C TYR A 252 -6.01 25.88 14.33
N LEU A 253 -4.90 25.48 13.72
CA LEU A 253 -3.90 24.71 14.45
C LEU A 253 -3.32 25.51 15.61
N ASP A 254 -3.25 26.84 15.42
CA ASP A 254 -2.62 27.67 16.45
C ASP A 254 -3.46 27.74 17.71
N GLU A 255 -4.76 27.42 17.60
CA GLU A 255 -5.62 27.23 18.77
C GLU A 255 -5.68 25.77 19.19
N CYS A 256 -5.91 24.87 18.22
CA CYS A 256 -6.21 23.47 18.59
C CYS A 256 -4.99 22.73 19.14
N GLY A 257 -3.82 23.06 18.59
CA GLY A 257 -2.58 22.40 18.98
C GLY A 257 -2.33 22.65 20.46
N PRO A 258 -2.30 23.93 20.86
CA PRO A 258 -2.13 24.26 22.30
C PRO A 258 -3.21 23.62 23.20
N VAL A 259 -4.48 23.57 22.74
CA VAL A 259 -5.57 22.90 23.46
C VAL A 259 -5.22 21.43 23.71
N GLY A 260 -4.88 20.73 22.64
CA GLY A 260 -4.37 19.37 22.78
C GLY A 260 -3.17 19.21 23.72
N ASN A 261 -2.16 20.07 23.59
CA ASN A 261 -1.00 19.96 24.46
C ASN A 261 -1.43 20.09 25.92
N LYS A 262 -2.26 21.10 26.18
CA LYS A 262 -2.67 21.46 27.54
C LYS A 262 -3.36 20.29 28.20
N HIS A 263 -4.21 19.60 27.43
CA HIS A 263 -4.96 18.44 27.91
C HIS A 263 -4.30 17.09 27.67
N ASN A 264 -3.05 17.12 27.23
CA ASN A 264 -2.26 15.90 27.03
C ASN A 264 -2.92 14.93 26.04
N LEU A 265 -3.47 15.49 24.96
CA LEU A 265 -3.87 14.69 23.78
C LEU A 265 -2.76 14.76 22.73
N TRP A 266 -2.54 13.67 22.01
CA TRP A 266 -1.64 13.67 20.84
C TRP A 266 -2.32 14.47 19.73
N ILE A 267 -1.61 15.46 19.18
CA ILE A 267 -2.11 16.24 18.04
C ILE A 267 -1.48 15.72 16.75
N HIS A 268 -2.34 15.23 15.87
CA HIS A 268 -1.92 14.82 14.52
C HIS A 268 -2.45 15.83 13.47
N VAL A 269 -1.56 16.33 12.60
CA VAL A 269 -1.97 17.28 11.56
C VAL A 269 -2.10 16.55 10.23
N ASP A 270 -3.32 16.51 9.71
CA ASP A 270 -3.58 15.89 8.37
C ASP A 270 -3.60 17.03 7.37
N ALA A 271 -2.51 17.19 6.60
CA ALA A 271 -2.44 18.22 5.55
C ALA A 271 -2.20 17.53 4.21
N ALA A 272 -2.86 16.38 4.02
CA ALA A 272 -2.59 15.53 2.86
C ALA A 272 -2.41 16.28 1.52
N TYR A 273 -3.38 17.13 1.18
CA TYR A 273 -3.33 17.88 -0.08
C TYR A 273 -2.57 19.18 0.09
N ALA A 274 -3.10 20.03 0.98
CA ALA A 274 -2.59 21.41 1.08
C ALA A 274 -1.14 21.52 1.59
N GLY A 275 -0.64 20.50 2.27
CA GLY A 275 0.70 20.60 2.84
C GLY A 275 1.81 20.86 1.84
N SER A 276 1.62 20.46 0.57
CA SER A 276 2.67 20.71 -0.44
C SER A 276 2.94 22.22 -0.60
N ALA A 277 1.92 23.02 -0.37
CA ALA A 277 2.04 24.47 -0.55
C ALA A 277 2.95 25.09 0.51
N PHE A 278 3.17 24.38 1.62
CA PHE A 278 4.00 24.92 2.71
C PHE A 278 5.49 25.03 2.39
N ILE A 279 5.89 24.57 1.21
CA ILE A 279 7.26 24.81 0.72
C ILE A 279 7.39 26.29 0.26
N CYS A 280 6.27 27.00 0.16
CA CYS A 280 6.27 28.42 -0.22
C CYS A 280 6.08 29.29 1.03
N PRO A 281 7.02 30.22 1.26
CA PRO A 281 6.97 31.04 2.47
C PRO A 281 5.65 31.75 2.68
N GLU A 282 5.00 32.17 1.59
CA GLU A 282 3.72 32.88 1.70
C GLU A 282 2.51 32.06 2.19
N TYR A 283 2.65 30.72 2.20
CA TYR A 283 1.56 29.84 2.61
C TYR A 283 1.83 29.18 3.94
N ARG A 284 3.06 29.37 4.46
CA ARG A 284 3.43 28.75 5.76
C ARG A 284 2.64 29.20 6.96
N HIS A 285 2.07 30.41 6.92
CA HIS A 285 1.15 30.88 7.96
C HIS A 285 0.01 29.89 8.25
N LEU A 286 -0.34 29.09 7.23
CA LEU A 286 -1.45 28.17 7.35
C LEU A 286 -1.13 27.02 8.30
N MET A 287 0.14 26.78 8.60
CA MET A 287 0.44 25.78 9.62
C MET A 287 1.04 26.41 10.87
N LYS A 288 0.69 27.67 11.12
CA LYS A 288 1.04 28.27 12.40
C LYS A 288 0.52 27.38 13.53
N GLY A 289 1.36 27.13 14.53
CA GLY A 289 1.00 26.24 15.64
C GLY A 289 1.67 24.87 15.46
N ILE A 290 2.39 24.68 14.35
CA ILE A 290 3.07 23.39 14.06
C ILE A 290 3.95 22.88 15.23
N GLU A 291 4.51 23.80 16.01
CA GLU A 291 5.32 23.40 17.16
C GLU A 291 4.52 22.59 18.17
N SER A 292 3.21 22.75 18.20
CA SER A 292 2.36 21.98 19.13
C SER A 292 2.04 20.54 18.63
N ALA A 293 2.31 20.24 17.37
CA ALA A 293 1.91 18.95 16.79
C ALA A 293 2.83 17.81 17.24
N ASP A 294 2.24 16.65 17.55
CA ASP A 294 2.99 15.45 17.80
C ASP A 294 3.37 14.74 16.50
N SER A 295 2.52 14.91 15.49
CA SER A 295 2.78 14.31 14.15
C SER A 295 2.21 15.22 13.05
N PHE A 296 2.83 15.17 11.87
CA PHE A 296 2.43 15.98 10.75
C PHE A 296 2.54 15.18 9.48
N ASN A 297 1.51 15.25 8.64
CA ASN A 297 1.51 14.44 7.40
C ASN A 297 1.05 15.28 6.20
N PHE A 298 1.74 15.10 5.07
CA PHE A 298 1.12 15.51 3.79
C PHE A 298 1.52 14.49 2.74
N ASN A 299 0.81 14.51 1.62
CA ASN A 299 1.09 13.58 0.48
C ASN A 299 1.76 14.28 -0.68
N PRO A 300 3.07 14.14 -0.85
CA PRO A 300 3.70 14.54 -2.13
C PRO A 300 3.02 13.90 -3.33
N HIS A 301 2.37 12.74 -3.13
CA HIS A 301 1.73 12.06 -4.28
C HIS A 301 0.39 12.66 -4.70
N TRP A 303 0.04 16.70 -4.60
CA TRP A 303 0.36 18.00 -5.25
C TRP A 303 1.83 18.30 -5.40
N MET A 304 2.72 17.36 -5.06
CA MET A 304 4.17 17.66 -5.15
C MET A 304 4.94 16.72 -6.11
N LEU A 305 4.22 16.21 -7.12
CA LEU A 305 4.88 15.63 -8.32
C LEU A 305 5.61 14.32 -8.01
N VAL A 306 5.29 13.68 -6.89
CA VAL A 306 5.93 12.39 -6.57
C VAL A 306 4.90 11.27 -6.77
N ASN A 307 5.07 10.46 -7.81
CA ASN A 307 4.11 9.39 -8.09
C ASN A 307 3.79 8.54 -6.83
N PHE A 308 2.52 8.17 -6.69
CA PHE A 308 2.12 7.29 -5.60
C PHE A 308 2.96 6.01 -5.48
N ASP A 309 3.16 5.50 -4.27
CA ASP A 309 2.71 6.16 -3.03
C ASP A 309 3.84 6.89 -2.32
N CYS A 310 3.49 8.04 -1.75
CA CYS A 310 4.45 8.81 -1.01
C CYS A 310 3.64 9.72 -0.09
N SER A 311 3.51 9.30 1.16
CA SER A 311 2.81 10.09 2.19
C SER A 311 3.86 10.36 3.26
N ALA A 312 4.26 11.63 3.39
CA ALA A 312 5.40 11.98 4.23
C ALA A 312 4.91 12.34 5.63
N MET A 313 5.38 11.63 6.66
CA MET A 313 4.92 11.84 8.04
C MET A 313 6.08 12.08 8.98
N TRP A 314 5.99 13.15 9.76
CA TRP A 314 7.04 13.44 10.75
C TRP A 314 6.43 13.27 12.12
N LEU A 315 7.27 12.88 13.09
CA LEU A 315 6.82 12.71 14.45
C LEU A 315 7.88 13.25 15.40
N LYS A 316 7.43 13.88 16.47
CA LYS A 316 8.33 14.31 17.53
C LYS A 316 9.04 13.12 18.18
N ASP A 317 8.35 12.00 18.24
CA ASP A 317 8.97 10.79 18.75
C ASP A 317 8.47 9.55 18.00
N PRO A 318 9.15 9.22 16.89
CA PRO A 318 8.89 8.15 15.90
C PRO A 318 8.76 6.78 16.51
N SER A 319 9.25 6.61 17.74
CA SER A 319 9.29 5.31 18.40
C SER A 319 7.91 4.85 18.88
N TRP A 320 7.05 5.82 19.21
CA TRP A 320 5.76 5.59 19.89
C TRP A 320 4.84 4.65 19.17
N VAL A 321 5.02 4.59 17.85
CA VAL A 321 4.26 3.72 17.01
C VAL A 321 4.99 2.37 16.99
N PRO A 349 9.52 -0.80 9.65
CA PRO A 349 9.63 0.63 9.89
C PRO A 349 10.17 1.47 8.73
N LEU A 350 11.49 1.44 8.47
CA LEU A 350 12.06 2.30 7.42
C LEU A 350 12.56 1.62 6.15
N GLY A 351 12.37 2.29 5.02
CA GLY A 351 12.90 1.84 3.76
C GLY A 351 12.03 0.83 3.04
N ARG A 352 10.86 0.53 3.61
CA ARG A 352 9.88 -0.34 2.96
C ARG A 352 9.57 0.22 1.60
N ARG A 353 9.83 -0.58 0.56
CA ARG A 353 9.54 -0.20 -0.83
C ARG A 353 10.49 0.85 -1.42
N PHE A 354 11.54 1.21 -0.70
CA PHE A 354 12.49 2.24 -1.16
C PHE A 354 11.80 3.50 -1.68
N ARG A 355 10.78 3.97 -0.98
CA ARG A 355 10.03 5.14 -1.47
C ARG A 355 10.91 6.38 -1.48
N ALA A 356 12.02 6.36 -0.73
CA ALA A 356 12.89 7.56 -0.68
C ALA A 356 13.55 7.82 -2.04
N LEU A 357 13.67 6.78 -2.88
CA LEU A 357 14.35 6.97 -4.17
C LEU A 357 13.60 7.96 -5.05
N LYS A 358 12.28 7.80 -5.19
CA LYS A 358 11.54 8.75 -6.04
C LYS A 358 11.51 10.14 -5.43
N LEU A 359 11.43 10.23 -4.10
CA LEU A 359 11.49 11.53 -3.44
C LEU A 359 12.85 12.24 -3.76
N TRP A 360 13.95 11.51 -3.64
CA TRP A 360 15.27 12.04 -4.02
C TRP A 360 15.35 12.49 -5.48
N PHE A 361 14.80 11.67 -6.40
CA PHE A 361 14.87 12.02 -7.82
C PHE A 361 14.08 13.29 -8.09
N VAL A 362 12.89 13.39 -7.50
CA VAL A 362 12.04 14.56 -7.77
C VAL A 362 12.67 15.82 -7.22
N LEU A 363 13.08 15.78 -5.94
CA LEU A 363 13.66 16.95 -5.29
C LEU A 363 14.93 17.39 -6.06
N ARG A 364 15.73 16.43 -6.51
CA ARG A 364 16.95 16.79 -7.27
C ARG A 364 16.68 17.33 -8.66
N LEU A 365 15.75 16.70 -9.39
CA LEU A 365 15.58 16.99 -10.82
C LEU A 365 14.57 18.13 -11.08
N TYR A 366 13.77 18.46 -10.05
CA TYR A 366 13.04 19.72 -10.05
C TYR A 366 13.80 20.85 -9.38
N GLY A 367 14.35 20.59 -8.21
CA GLY A 367 14.88 21.63 -7.34
C GLY A 367 13.75 22.42 -6.67
N VAL A 368 14.10 23.08 -5.59
CA VAL A 368 13.11 23.75 -4.74
C VAL A 368 12.37 24.83 -5.52
N GLU A 369 13.11 25.68 -6.24
CA GLU A 369 12.48 26.76 -7.01
C GLU A 369 11.35 26.29 -7.94
N ASN A 370 11.59 25.24 -8.71
CA ASN A 370 10.60 24.75 -9.65
C ASN A 370 9.41 24.15 -8.94
N LEU A 371 9.66 23.54 -7.80
CA LEU A 371 8.52 22.99 -7.03
C LEU A 371 7.67 24.13 -6.46
N GLN A 372 8.30 25.20 -5.98
CA GLN A 372 7.56 26.34 -5.46
C GLN A 372 6.77 27.01 -6.60
N ALA A 373 7.38 27.11 -7.78
CA ALA A 373 6.74 27.70 -8.99
C ALA A 373 5.47 26.93 -9.33
N HIS A 374 5.54 25.59 -9.17
CA HIS A 374 4.43 24.67 -9.49
C HIS A 374 3.24 24.98 -8.58
N ILE A 375 3.51 25.06 -7.28
CA ILE A 375 2.46 25.44 -6.32
C ILE A 375 1.85 26.81 -6.65
N ARG A 376 2.72 27.78 -6.92
CA ARG A 376 2.23 29.16 -7.11
C ARG A 376 1.38 29.26 -8.38
N ARG A 377 1.83 28.60 -9.44
CA ARG A 377 1.07 28.61 -10.70
C ARG A 377 -0.31 28.03 -10.48
N HIS A 378 -0.39 26.90 -9.80
CA HIS A 378 -1.73 26.32 -9.50
C HIS A 378 -2.63 27.20 -8.64
N CYS A 379 -2.07 27.81 -7.59
CA CYS A 379 -2.87 28.75 -6.80
C CYS A 379 -3.40 29.90 -7.66
N ASN A 380 -2.54 30.43 -8.52
CA ASN A 380 -2.92 31.55 -9.37
C ASN A 380 -3.98 31.12 -10.40
N PHE A 381 -3.83 29.90 -10.97
CA PHE A 381 -4.89 29.39 -11.85
C PHE A 381 -6.26 29.29 -11.15
N ALA A 382 -6.30 28.77 -9.90
CA ALA A 382 -7.58 28.64 -9.20
C ALA A 382 -8.19 30.04 -8.97
N LYS A 383 -7.35 30.97 -8.56
CA LYS A 383 -7.82 32.37 -8.38
C LYS A 383 -8.39 32.95 -9.70
N GLN A 384 -7.69 32.69 -10.80
CA GLN A 384 -8.12 33.17 -12.13
C GLN A 384 -9.52 32.63 -12.46
N PHE A 385 -9.69 31.32 -12.25
CA PHE A 385 -11.01 30.70 -12.45
C PHE A 385 -12.06 31.25 -11.49
N GLY A 386 -11.70 31.43 -10.21
CA GLY A 386 -12.68 31.98 -9.24
C GLY A 386 -13.12 33.40 -9.67
N ASP A 387 -12.19 34.21 -10.18
CA ASP A 387 -12.51 35.58 -10.68
C ASP A 387 -13.44 35.55 -11.88
N LEU A 388 -13.21 34.60 -12.79
CA LEU A 388 -14.13 34.42 -13.91
C LEU A 388 -15.52 34.05 -13.44
N CYS A 389 -15.57 33.16 -12.47
CA CYS A 389 -16.83 32.66 -11.95
C CYS A 389 -17.64 33.78 -11.30
N VAL A 390 -17.02 34.50 -10.37
CA VAL A 390 -17.78 35.52 -9.64
C VAL A 390 -18.16 36.71 -10.53
N ALA A 391 -17.45 36.93 -11.63
CA ALA A 391 -17.78 38.00 -12.59
C ALA A 391 -19.13 37.74 -13.20
N ASP A 392 -19.54 36.46 -13.19
CA ASP A 392 -20.85 36.03 -13.68
C ASP A 392 -21.87 36.07 -12.55
N SER A 393 -22.75 37.06 -12.61
CA SER A 393 -23.72 37.29 -11.54
C SER A 393 -24.69 36.14 -11.30
N ARG A 394 -24.73 35.15 -12.19
CA ARG A 394 -25.57 33.95 -11.96
C ARG A 394 -25.01 32.99 -10.92
N PHE A 395 -23.70 33.14 -10.69
CA PHE A 395 -22.94 32.24 -9.83
C PHE A 395 -22.46 32.89 -8.53
N GLU A 396 -22.08 32.04 -7.60
CA GLU A 396 -21.48 32.45 -6.33
C GLU A 396 -20.42 31.41 -5.94
N LEU A 397 -19.38 31.84 -5.24
CA LEU A 397 -18.52 30.88 -4.55
C LEU A 397 -19.26 30.18 -3.42
N ALA A 398 -18.96 28.89 -3.21
CA ALA A 398 -19.52 28.14 -2.11
C ALA A 398 -18.57 28.07 -0.93
N ALA A 399 -17.33 28.52 -1.15
CA ALA A 399 -16.29 28.57 -0.11
C ALA A 399 -15.24 29.56 -0.55
N GLU A 400 -14.45 30.07 0.39
CA GLU A 400 -13.33 30.91 0.02
C GLU A 400 -12.37 30.07 -0.81
N ILE A 401 -11.73 30.74 -1.77
CA ILE A 401 -10.76 30.07 -2.62
C ILE A 401 -9.52 29.79 -1.80
N ASN A 402 -9.09 28.53 -1.78
CA ASN A 402 -7.84 28.13 -1.13
C ASN A 402 -7.08 27.18 -2.05
N MET A 403 -5.77 27.42 -2.17
CA MET A 403 -4.86 26.50 -2.85
C MET A 403 -5.36 26.33 -4.28
N GLY A 404 -5.41 25.09 -4.77
CA GLY A 404 -5.74 24.87 -6.17
C GLY A 404 -7.21 24.58 -6.38
N LEU A 405 -8.08 24.99 -5.45
CA LEU A 405 -9.46 24.53 -5.45
C LEU A 405 -10.48 25.67 -5.45
N VAL A 406 -11.45 25.58 -6.38
CA VAL A 406 -12.54 26.58 -6.38
C VAL A 406 -13.84 25.82 -6.21
N CYS A 407 -14.64 26.21 -5.18
CA CYS A 407 -15.95 25.64 -4.90
C CYS A 407 -17.00 26.67 -5.28
N PHE A 408 -17.91 26.30 -6.17
CA PHE A 408 -18.81 27.30 -6.75
C PHE A 408 -20.14 26.69 -7.12
N ARG A 409 -21.13 27.55 -7.31
CA ARG A 409 -22.46 27.06 -7.69
C ARG A 409 -23.27 28.18 -8.34
N LEU A 410 -24.25 27.79 -9.13
CA LEU A 410 -25.31 28.71 -9.49
C LEU A 410 -26.05 29.15 -8.22
N LYS A 411 -26.34 30.44 -8.12
CA LYS A 411 -27.23 30.97 -7.08
C LYS A 411 -28.56 30.22 -7.16
N GLY A 412 -29.16 29.96 -6.00
CA GLY A 412 -30.41 29.21 -5.95
C GLY A 412 -30.28 27.76 -5.52
N SER A 413 -31.12 26.93 -6.11
CA SER A 413 -31.34 25.58 -5.61
C SER A 413 -30.18 24.61 -5.82
N ASN A 414 -30.11 23.59 -4.97
CA ASN A 414 -29.22 22.45 -5.17
C ASN A 414 -29.56 21.68 -6.44
N GLU A 415 -30.86 21.52 -6.72
CA GLU A 415 -31.22 20.69 -7.89
C GLU A 415 -30.74 21.29 -9.20
N ARG A 416 -30.82 22.61 -9.37
CA ARG A 416 -30.31 23.24 -10.57
C ARG A 416 -28.79 23.05 -10.69
N ASN A 417 -28.12 22.97 -9.55
CA ASN A 417 -26.68 22.73 -9.57
C ASN A 417 -26.34 21.30 -9.89
N GLU A 418 -27.11 20.36 -9.33
CA GLU A 418 -26.99 18.96 -9.71
C GLU A 418 -27.17 18.79 -11.21
N ALA A 419 -28.14 19.51 -11.76
CA ALA A 419 -28.43 19.51 -13.19
C ALA A 419 -27.25 20.04 -13.99
N LEU A 420 -26.66 21.14 -13.51
CA LEU A 420 -25.56 21.79 -14.21
C LEU A 420 -24.38 20.85 -14.27
N LEU A 421 -24.08 20.20 -13.15
CA LEU A 421 -22.91 19.31 -13.10
C LEU A 421 -23.08 18.15 -14.07
N LYS A 422 -24.28 17.54 -14.03
CA LYS A 422 -24.65 16.50 -14.98
C LYS A 422 -24.49 16.93 -16.43
N ARG A 423 -24.96 18.13 -16.76
CA ARG A 423 -24.88 18.63 -18.14
C ARG A 423 -23.43 18.84 -18.54
N ILE A 424 -22.66 19.47 -17.64
CA ILE A 424 -21.25 19.71 -17.94
C ILE A 424 -20.57 18.39 -18.21
N ASN A 425 -20.74 17.39 -17.33
CA ASN A 425 -19.95 16.19 -17.49
C ASN A 425 -20.40 15.45 -18.74
N GLY A 426 -21.70 15.56 -19.03
CA GLY A 426 -22.25 14.95 -20.24
C GLY A 426 -21.80 15.53 -21.56
N ARG A 427 -21.39 16.80 -21.56
CA ARG A 427 -20.95 17.47 -22.78
C ARG A 427 -19.53 17.00 -23.21
N GLY A 428 -18.77 16.47 -22.25
CA GLY A 428 -17.49 15.81 -22.52
C GLY A 428 -16.35 16.76 -22.92
N HIS A 429 -16.43 18.03 -22.56
CA HIS A 429 -15.32 18.95 -22.86
C HIS A 429 -14.42 19.09 -21.64
N ILE A 430 -15.03 19.11 -20.47
CA ILE A 430 -14.26 19.05 -19.21
C ILE A 430 -14.97 18.07 -18.28
N HIS A 431 -14.33 17.76 -17.15
CA HIS A 431 -14.93 17.00 -16.08
C HIS A 431 -14.78 17.76 -14.78
N LEU A 432 -15.88 17.86 -14.04
CA LEU A 432 -15.93 18.41 -12.69
C LEU A 432 -16.57 17.42 -11.71
N VAL A 433 -16.41 17.71 -10.42
CA VAL A 433 -16.93 16.82 -9.37
C VAL A 433 -17.73 17.62 -8.38
N PRO A 434 -18.79 17.01 -7.80
CA PRO A 434 -19.59 17.73 -6.82
C PRO A 434 -19.11 17.55 -5.38
N ALA A 435 -19.53 18.45 -4.49
CA ALA A 435 -19.48 18.14 -3.06
C ALA A 435 -20.69 18.80 -2.37
N LYS A 436 -20.85 18.51 -1.08
CA LYS A 436 -21.94 19.09 -0.31
C LYS A 436 -21.49 19.28 1.13
N ILE A 437 -21.77 20.47 1.66
CA ILE A 437 -21.55 20.78 3.07
C ILE A 437 -22.87 21.30 3.63
N LYS A 438 -23.41 20.62 4.66
CA LYS A 438 -24.65 21.03 5.32
C LYS A 438 -25.69 21.66 4.36
N ASP A 439 -26.27 20.81 3.51
CA ASP A 439 -27.36 21.24 2.63
C ASP A 439 -27.03 22.22 1.49
N VAL A 440 -25.77 22.62 1.36
CA VAL A 440 -25.32 23.39 0.18
C VAL A 440 -24.53 22.43 -0.75
N TYR A 441 -25.13 22.08 -1.88
CA TYR A 441 -24.46 21.27 -2.91
C TYR A 441 -23.74 22.25 -3.84
N PHE A 442 -22.51 21.93 -4.22
CA PHE A 442 -21.73 22.82 -5.08
C PHE A 442 -20.82 22.02 -6.00
N LEU A 443 -20.22 22.71 -6.96
CA LEU A 443 -19.30 22.07 -7.93
C LEU A 443 -17.88 22.41 -7.52
N ARG A 444 -16.94 21.52 -7.82
CA ARG A 444 -15.54 21.79 -7.47
C ARG A 444 -14.73 21.79 -8.74
N MET A 445 -13.86 22.80 -8.89
CA MET A 445 -12.81 22.78 -9.91
C MET A 445 -11.48 22.77 -9.18
N ALA A 446 -10.82 21.61 -9.17
CA ALA A 446 -9.46 21.49 -8.63
C ALA A 446 -8.49 21.43 -9.77
N ILE A 447 -7.35 22.11 -9.60
CA ILE A 447 -6.30 22.03 -10.58
C ILE A 447 -5.59 20.71 -10.33
N CYS A 448 -5.64 19.81 -11.32
CA CYS A 448 -5.11 18.46 -11.11
C CYS A 448 -3.86 18.27 -11.96
N SER A 449 -4.00 18.44 -13.28
CA SER A 449 -2.91 18.16 -14.21
C SER A 449 -1.69 19.05 -14.07
N ARG A 450 -0.49 18.46 -14.04
CA ARG A 450 0.70 19.28 -14.09
C ARG A 450 0.86 19.99 -15.42
N PHE A 451 0.05 19.62 -16.43
CA PHE A 451 0.12 20.30 -17.75
C PHE A 451 -0.80 21.54 -17.85
N THR A 452 -1.49 21.90 -16.78
CA THR A 452 -2.44 23.00 -16.83
C THR A 452 -1.77 24.31 -17.13
N GLN A 453 -2.40 25.14 -17.94
CA GLN A 453 -1.94 26.48 -18.31
C GLN A 453 -3.10 27.45 -18.08
N SER A 454 -2.81 28.76 -18.05
CA SER A 454 -3.88 29.70 -17.68
C SER A 454 -5.10 29.65 -18.61
N GLU A 455 -4.84 29.37 -19.90
CA GLU A 455 -5.93 29.32 -20.89
C GLU A 455 -6.90 28.19 -20.62
N ASP A 456 -6.45 27.18 -19.86
CA ASP A 456 -7.36 26.13 -19.41
C ASP A 456 -8.43 26.64 -18.46
N MET A 457 -8.09 27.64 -17.66
CA MET A 457 -9.06 28.25 -16.77
C MET A 457 -10.13 28.97 -17.59
N GLU A 458 -9.69 29.71 -18.62
CA GLU A 458 -10.63 30.39 -19.54
C GLU A 458 -11.52 29.35 -20.20
N TYR A 459 -10.90 28.26 -20.64
CA TYR A 459 -11.65 27.21 -21.35
C TYR A 459 -12.67 26.55 -20.44
N SER A 460 -12.20 26.15 -19.25
CA SER A 460 -13.09 25.53 -18.30
C SER A 460 -14.23 26.46 -17.89
N TRP A 461 -13.94 27.74 -17.62
CA TRP A 461 -15.00 28.69 -17.20
C TRP A 461 -16.04 28.86 -18.34
N LYS A 462 -15.52 29.04 -19.54
CA LYS A 462 -16.41 29.28 -20.68
C LYS A 462 -17.33 28.07 -20.89
N GLU A 463 -16.82 26.88 -20.60
CA GLU A 463 -17.60 25.66 -20.73
C GLU A 463 -18.71 25.57 -19.67
N VAL A 464 -18.35 25.89 -18.42
CA VAL A 464 -19.36 25.98 -17.35
C VAL A 464 -20.47 26.99 -17.75
N SER A 465 -20.06 28.16 -18.23
CA SER A 465 -20.98 29.27 -18.50
C SER A 465 -21.88 28.88 -19.68
N ALA A 466 -21.30 28.22 -20.65
CA ALA A 466 -22.03 27.78 -21.86
C ALA A 466 -23.06 26.72 -21.47
N ALA A 467 -22.68 25.80 -20.58
CA ALA A 467 -23.62 24.84 -20.05
C ALA A 467 -24.80 25.49 -19.32
N ALA A 468 -24.52 26.52 -18.51
CA ALA A 468 -25.55 27.24 -17.77
C ALA A 468 -26.45 28.00 -18.74
N ASP A 469 -25.86 28.59 -19.78
CA ASP A 469 -26.64 29.27 -20.83
C ASP A 469 -27.69 28.30 -21.41
N GLU A 470 -27.25 27.07 -21.72
CA GLU A 470 -28.09 26.04 -22.30
C GLU A 470 -29.23 25.61 -21.39
N MET A 471 -28.93 25.49 -20.10
CA MET A 471 -29.97 25.16 -19.11
C MET A 471 -31.08 26.20 -19.12
N GLU A 472 -30.69 27.48 -19.11
CA GLU A 472 -31.61 28.60 -19.09
C GLU A 472 -32.54 28.56 -20.28
N GLN A 473 -31.98 28.18 -21.43
CA GLN A 473 -32.67 28.21 -22.71
C GLN A 473 -33.37 26.88 -23.01
N GLU A 474 -33.54 26.06 -21.97
CA GLU A 474 -34.36 24.87 -22.09
C GLU A 474 -35.80 25.31 -21.79
N GLN A 475 -36.11 26.52 -22.28
CA GLN A 475 -37.42 27.20 -22.18
C GLN A 475 -37.86 27.46 -20.74
N MET B 1 11.24 18.62 -15.89
CA MET B 1 12.08 17.84 -16.86
C MET B 1 11.12 17.58 -17.99
N GLU B 2 11.61 17.75 -19.22
CA GLU B 2 10.76 17.56 -20.39
C GLU B 2 10.95 16.18 -21.02
N ALA B 3 10.10 15.87 -21.98
CA ALA B 3 10.12 14.49 -22.53
C ALA B 3 11.46 14.01 -23.10
N PRO B 4 12.16 14.85 -23.90
CA PRO B 4 13.40 14.34 -24.51
C PRO B 4 14.40 13.90 -23.45
N GLU B 5 14.55 14.71 -22.38
CA GLU B 5 15.45 14.40 -21.26
C GLU B 5 14.95 13.18 -20.52
N PHE B 6 13.63 13.10 -20.28
CA PHE B 6 13.05 11.91 -19.67
C PHE B 6 13.40 10.66 -20.47
N LYS B 7 13.23 10.73 -21.79
CA LYS B 7 13.52 9.54 -22.59
C LYS B 7 14.97 9.08 -22.44
N ASP B 8 15.91 10.03 -22.50
CA ASP B 8 17.36 9.73 -22.33
C ASP B 8 17.61 9.07 -20.98
N PHE B 9 17.03 9.65 -19.94
CA PHE B 9 17.19 9.16 -18.56
C PHE B 9 16.57 7.77 -18.41
N ALA B 10 15.31 7.64 -18.82
CA ALA B 10 14.58 6.37 -18.59
C ALA B 10 15.26 5.25 -19.36
N LYS B 11 15.72 5.57 -20.55
CA LYS B 11 16.31 4.49 -21.38
C LYS B 11 17.67 4.07 -20.82
N THR B 12 18.40 5.03 -20.27
CA THR B 12 19.67 4.74 -19.54
C THR B 12 19.37 3.87 -18.29
N MET B 13 18.25 4.17 -17.61
CA MET B 13 17.87 3.35 -16.44
C MET B 13 17.47 1.92 -16.86
N VAL B 14 16.87 1.76 -18.03
CA VAL B 14 16.55 0.43 -18.55
C VAL B 14 17.86 -0.34 -18.70
N ASP B 15 18.86 0.30 -19.31
CA ASP B 15 20.21 -0.30 -19.48
C ASP B 15 20.76 -0.73 -18.11
N PHE B 16 20.60 0.16 -17.15
CA PHE B 16 21.14 -0.05 -15.80
C PHE B 16 20.47 -1.24 -15.13
N ILE B 17 19.15 -1.30 -15.17
CA ILE B 17 18.39 -2.39 -14.56
C ILE B 17 18.79 -3.76 -15.16
N ALA B 18 18.88 -3.82 -16.49
CA ALA B 18 19.31 -5.08 -17.14
C ALA B 18 20.72 -5.46 -16.72
N GLU B 19 21.63 -4.49 -16.72
CA GLU B 19 23.02 -4.78 -16.30
C GLU B 19 23.05 -5.30 -14.87
N TYR B 20 22.29 -4.65 -14.00
CA TYR B 20 22.25 -5.05 -12.60
C TYR B 20 21.76 -6.51 -12.43
N LEU B 21 20.59 -6.83 -12.97
CA LEU B 21 19.97 -8.13 -12.74
C LEU B 21 20.74 -9.24 -13.44
N GLU B 22 21.22 -8.97 -14.65
CA GLU B 22 21.86 -10.01 -15.49
C GLU B 22 23.22 -10.37 -14.93
N ASN B 23 23.77 -9.52 -14.09
CA ASN B 23 25.12 -9.76 -13.52
C ASN B 23 25.10 -9.76 -12.01
N ILE B 24 23.94 -10.08 -11.45
CA ILE B 24 23.70 -9.94 -10.02
C ILE B 24 24.56 -10.90 -9.16
N ARG B 25 25.07 -11.96 -9.78
CA ARG B 25 26.03 -12.84 -9.07
C ARG B 25 27.36 -12.14 -8.75
N GLU B 26 27.63 -10.99 -9.36
CA GLU B 26 28.84 -10.23 -9.04
C GLU B 26 28.75 -9.50 -7.71
N ARG B 27 27.52 -9.29 -7.24
CA ARG B 27 27.28 -8.44 -6.07
C ARG B 27 27.58 -9.21 -4.78
N ARG B 28 28.13 -8.51 -3.81
CA ARG B 28 28.39 -9.09 -2.48
C ARG B 28 27.12 -9.10 -1.65
N VAL B 29 26.86 -10.20 -0.96
CA VAL B 29 25.62 -10.28 -0.18
C VAL B 29 25.71 -9.53 1.14
N LEU B 30 26.92 -9.23 1.61
CA LEU B 30 27.08 -8.38 2.80
C LEU B 30 27.48 -6.99 2.37
N PRO B 31 26.72 -5.96 2.78
CA PRO B 31 27.19 -4.60 2.50
C PRO B 31 28.57 -4.38 3.08
N GLU B 32 29.44 -3.73 2.31
CA GLU B 32 30.77 -3.36 2.76
C GLU B 32 30.73 -2.07 3.59
N VAL B 33 29.83 -1.16 3.23
CA VAL B 33 29.71 0.13 3.92
C VAL B 33 29.07 -0.10 5.28
N LYS B 34 29.34 0.80 6.23
CA LYS B 34 28.80 0.70 7.58
C LYS B 34 27.60 1.63 7.72
N PRO B 35 26.75 1.37 8.74
CA PRO B 35 25.64 2.26 9.02
C PRO B 35 26.15 3.68 9.20
N GLY B 36 25.41 4.66 8.67
CA GLY B 36 25.88 6.06 8.68
C GLY B 36 26.67 6.51 7.45
N TYR B 37 26.88 5.63 6.48
CA TYR B 37 27.75 5.93 5.36
C TYR B 37 27.12 6.97 4.41
N LEU B 38 25.80 7.08 4.42
CA LEU B 38 25.12 7.78 3.32
C LEU B 38 25.09 9.30 3.48
N LYS B 39 24.77 9.77 4.69
CA LYS B 39 24.63 11.21 4.92
C LYS B 39 25.82 12.03 4.39
N PRO B 40 27.09 11.61 4.68
CA PRO B 40 28.24 12.42 4.20
C PRO B 40 28.40 12.43 2.68
N LEU B 41 27.73 11.54 1.97
CA LEU B 41 27.87 11.41 0.53
C LEU B 41 26.99 12.34 -0.26
N ILE B 42 25.96 12.89 0.40
CA ILE B 42 25.02 13.78 -0.28
C ILE B 42 24.79 15.09 0.51
N PRO B 43 24.33 16.15 -0.18
CA PRO B 43 24.10 17.46 0.46
C PRO B 43 23.10 17.46 1.63
N ASP B 44 23.18 18.46 2.50
CA ASP B 44 22.29 18.45 3.64
C ASP B 44 20.94 19.09 3.38
N ALA B 45 20.75 19.64 2.17
CA ALA B 45 19.47 20.22 1.74
C ALA B 45 19.21 19.96 0.28
N ALA B 46 17.92 19.99 -0.10
CA ALA B 46 17.54 19.92 -1.50
C ALA B 46 18.20 21.04 -2.35
N PRO B 47 18.48 20.78 -3.64
CA PRO B 47 19.07 21.83 -4.47
C PRO B 47 18.02 22.88 -4.84
N GLU B 48 18.45 24.14 -4.91
CA GLU B 48 17.53 25.19 -5.32
C GLU B 48 17.17 25.09 -6.79
N LYS B 49 18.16 24.78 -7.64
CA LYS B 49 18.01 24.68 -9.06
C LYS B 49 18.04 23.21 -9.46
N PRO B 50 17.40 22.83 -10.58
CA PRO B 50 17.42 21.40 -10.93
C PRO B 50 18.82 20.91 -11.27
N GLU B 51 19.12 19.69 -10.83
CA GLU B 51 20.36 18.97 -11.19
C GLU B 51 20.19 18.20 -12.50
N LYS B 52 21.29 17.64 -13.03
CA LYS B 52 21.22 16.84 -14.26
C LYS B 52 20.94 15.36 -13.95
N TRP B 53 20.11 14.73 -14.78
CA TRP B 53 19.81 13.31 -14.60
C TRP B 53 21.08 12.48 -14.64
N GLN B 54 22.08 12.89 -15.45
CA GLN B 54 23.34 12.14 -15.51
C GLN B 54 24.01 12.06 -14.15
N ASP B 55 23.93 13.13 -13.37
CA ASP B 55 24.55 13.13 -12.06
C ASP B 55 23.80 12.24 -11.09
N VAL B 56 22.48 12.19 -11.23
CA VAL B 56 21.68 11.23 -10.44
C VAL B 56 22.08 9.80 -10.80
N MET B 57 22.16 9.51 -12.10
CA MET B 57 22.56 8.16 -12.54
C MET B 57 23.90 7.73 -11.99
N GLN B 58 24.87 8.63 -12.04
CA GLN B 58 26.19 8.38 -11.49
C GLN B 58 26.08 8.01 -10.03
N ASP B 59 25.15 8.66 -9.32
CA ASP B 59 25.00 8.46 -7.89
C ASP B 59 24.37 7.12 -7.48
N ILE B 60 23.78 6.41 -8.44
CA ILE B 60 23.20 5.09 -8.17
C ILE B 60 24.31 4.10 -7.71
N GLU B 61 25.39 4.00 -8.47
CA GLU B 61 26.51 3.11 -8.06
C GLU B 61 27.34 3.75 -6.91
N ARG B 62 27.52 5.06 -6.94
CA ARG B 62 28.31 5.74 -5.90
C ARG B 62 27.66 5.78 -4.50
N VAL B 63 26.36 6.07 -4.44
CA VAL B 63 25.67 6.31 -3.15
C VAL B 63 24.71 5.18 -2.75
N ILE B 64 23.97 4.64 -3.72
CA ILE B 64 22.90 3.70 -3.40
C ILE B 64 23.39 2.25 -3.28
N MET B 65 23.96 1.75 -4.35
CA MET B 65 24.27 0.31 -4.47
C MET B 65 25.20 -0.23 -3.36
N PRO B 66 26.18 0.58 -2.88
CA PRO B 66 26.99 0.11 -1.73
C PRO B 66 26.16 -0.30 -0.52
N GLY B 67 25.01 0.34 -0.31
CA GLY B 67 24.13 0.06 0.83
C GLY B 67 22.89 -0.76 0.59
N VAL B 68 22.75 -1.33 -0.61
CA VAL B 68 21.57 -2.11 -0.99
C VAL B 68 21.70 -3.58 -0.55
N THR B 69 20.58 -4.15 -0.11
CA THR B 69 20.45 -5.59 0.09
C THR B 69 20.03 -6.20 -1.22
N HIS B 70 20.81 -7.16 -1.70
CA HIS B 70 20.49 -7.74 -3.02
C HIS B 70 19.52 -8.92 -2.91
N TRP B 71 18.25 -8.59 -2.72
CA TRP B 71 17.17 -9.58 -2.56
C TRP B 71 17.12 -10.58 -3.70
N HIS B 72 17.55 -10.19 -4.90
CA HIS B 72 17.41 -11.07 -6.06
C HIS B 72 18.69 -11.86 -6.37
N SER B 73 19.70 -11.75 -5.50
CA SER B 73 20.90 -12.57 -5.65
C SER B 73 20.55 -14.02 -5.25
N PRO B 74 20.94 -15.00 -6.09
CA PRO B 74 20.76 -16.42 -5.74
C PRO B 74 21.58 -16.86 -4.50
N LYS B 75 22.44 -15.99 -3.99
CA LYS B 75 23.20 -16.29 -2.78
C LYS B 75 22.45 -15.78 -1.53
N PHE B 76 21.34 -15.08 -1.76
CA PHE B 76 20.56 -14.48 -0.67
C PHE B 76 19.25 -15.20 -0.42
N HIS B 77 19.13 -15.82 0.75
CA HIS B 77 17.95 -16.58 1.10
C HIS B 77 17.22 -15.80 2.19
N ALA B 78 16.32 -14.93 1.76
CA ALA B 78 15.48 -14.17 2.66
C ALA B 78 14.30 -15.01 3.12
N TYR B 79 13.28 -14.46 3.78
CA TYR B 79 12.19 -15.31 4.30
C TYR B 79 11.43 -16.02 3.20
N PHE B 80 11.05 -15.27 2.17
CA PHE B 80 10.39 -15.81 1.01
C PHE B 80 10.79 -14.97 -0.19
N PRO B 81 10.54 -15.48 -1.41
CA PRO B 81 10.86 -14.68 -2.61
C PRO B 81 10.16 -13.33 -2.63
N THR B 82 10.86 -12.32 -3.15
CA THR B 82 10.26 -11.04 -3.57
C THR B 82 10.18 -11.09 -5.08
N ALA B 83 8.96 -11.09 -5.61
CA ALA B 83 8.81 -11.29 -7.04
C ALA B 83 9.40 -10.12 -7.77
N ASN B 84 10.11 -10.46 -8.83
CA ASN B 84 10.58 -9.49 -9.78
C ASN B 84 10.51 -10.17 -11.14
N SER B 85 10.03 -9.45 -12.14
CA SER B 85 10.17 -9.94 -13.51
C SER B 85 10.20 -8.75 -14.47
N TYR B 86 10.82 -8.96 -15.62
CA TYR B 86 10.89 -7.90 -16.62
C TYR B 86 9.49 -7.46 -17.13
N PRO B 87 8.57 -8.41 -17.42
CA PRO B 87 7.23 -7.94 -17.82
C PRO B 87 6.55 -7.04 -16.80
N ALA B 88 6.72 -7.34 -15.50
CA ALA B 88 6.06 -6.55 -14.45
C ALA B 88 6.68 -5.15 -14.35
N ILE B 89 8.00 -5.06 -14.56
CA ILE B 89 8.67 -3.74 -14.54
C ILE B 89 8.04 -2.84 -15.61
N VAL B 90 7.87 -3.39 -16.80
CA VAL B 90 7.34 -2.58 -17.92
C VAL B 90 5.88 -2.20 -17.66
N ALA B 91 5.06 -3.13 -17.14
CA ALA B 91 3.69 -2.81 -16.79
C ALA B 91 3.66 -1.64 -15.79
N ASP B 92 4.50 -1.72 -14.77
CA ASP B 92 4.47 -0.64 -13.76
C ASP B 92 4.89 0.75 -14.26
N MET B 93 5.71 0.81 -15.31
CA MET B 93 6.03 2.10 -15.96
C MET B 93 4.74 2.75 -16.46
N LEU B 94 3.93 1.95 -17.13
CA LEU B 94 2.68 2.43 -17.69
C LEU B 94 1.67 2.74 -16.61
N SER B 95 1.54 1.83 -15.63
CA SER B 95 0.60 2.06 -14.51
C SER B 95 0.95 3.35 -13.80
N GLY B 96 2.24 3.62 -13.64
CA GLY B 96 2.70 4.84 -12.98
C GLY B 96 2.21 6.09 -13.69
N ALA B 97 2.22 6.03 -15.02
CA ALA B 97 1.77 7.08 -15.93
C ALA B 97 0.25 7.29 -16.00
N ILE B 98 -0.53 6.22 -15.82
CA ILE B 98 -1.99 6.32 -16.02
C ILE B 98 -2.92 6.00 -14.82
N ALA B 99 -2.40 5.36 -13.78
CA ALA B 99 -3.25 4.95 -12.66
C ALA B 99 -3.40 6.06 -11.60
N CYS B 100 -4.37 5.90 -10.72
CA CYS B 100 -4.42 6.73 -9.51
C CYS B 100 -4.64 5.91 -8.25
N ILE B 101 -4.32 6.53 -7.12
CA ILE B 101 -4.51 5.96 -5.78
C ILE B 101 -5.92 5.51 -5.50
N GLY B 102 -6.89 6.21 -6.11
CA GLY B 102 -8.29 5.91 -5.88
C GLY B 102 -8.92 6.80 -4.85
N PHE B 103 -8.34 7.99 -4.63
CA PHE B 103 -8.93 8.99 -3.76
C PHE B 103 -10.27 9.41 -4.37
N THR B 104 -10.21 9.90 -5.62
CA THR B 104 -11.40 10.13 -6.45
C THR B 104 -11.81 8.77 -6.99
N TRP B 105 -13.02 8.34 -6.68
CA TRP B 105 -13.46 6.99 -7.06
C TRP B 105 -13.35 6.75 -8.58
N ILE B 106 -12.43 5.84 -8.94
CA ILE B 106 -12.25 5.38 -10.32
C ILE B 106 -13.55 4.78 -10.88
N ALA B 107 -14.24 5.56 -11.72
CA ALA B 107 -15.39 5.04 -12.47
C ALA B 107 -14.93 4.67 -13.91
N SER B 108 -13.89 3.83 -13.97
CA SER B 108 -13.14 3.63 -15.21
C SER B 108 -13.20 2.18 -15.70
N PRO B 109 -13.71 2.00 -16.94
CA PRO B 109 -13.91 0.67 -17.51
C PRO B 109 -12.66 -0.23 -17.53
N ALA B 110 -11.54 0.26 -18.07
CA ALA B 110 -10.36 -0.58 -18.28
C ALA B 110 -9.77 -1.15 -16.99
N CYS B 111 -9.62 -0.30 -15.97
CA CYS B 111 -9.06 -0.69 -14.68
C CYS B 111 -9.87 -1.80 -14.02
N THR B 112 -11.17 -1.57 -13.96
CA THR B 112 -12.12 -2.49 -13.37
C THR B 112 -12.25 -3.78 -14.19
N GLU B 113 -12.47 -3.64 -15.48
CA GLU B 113 -12.76 -4.80 -16.31
C GLU B 113 -11.57 -5.73 -16.49
N LEU B 114 -10.38 -5.15 -16.61
CA LEU B 114 -9.16 -5.97 -16.69
C LEU B 114 -8.94 -6.78 -15.41
N GLU B 115 -9.21 -6.17 -14.25
CA GLU B 115 -9.08 -6.84 -12.97
C GLU B 115 -9.99 -8.07 -12.91
N VAL B 116 -11.23 -7.92 -13.36
CA VAL B 116 -12.14 -9.08 -13.34
C VAL B 116 -11.60 -10.24 -14.19
N VAL B 117 -11.21 -9.95 -15.43
CA VAL B 117 -10.74 -11.01 -16.32
C VAL B 117 -9.44 -11.67 -15.84
N MET B 118 -8.52 -10.87 -15.30
CA MET B 118 -7.28 -11.45 -14.83
C MET B 118 -7.49 -12.36 -13.63
N MET B 119 -8.44 -12.00 -12.76
CA MET B 119 -8.75 -12.81 -11.61
C MET B 119 -9.43 -14.14 -12.05
N ASP B 120 -10.16 -14.09 -13.16
CA ASP B 120 -10.72 -15.33 -13.76
C ASP B 120 -9.62 -16.16 -14.42
N TRP B 121 -8.72 -15.51 -15.16
CA TRP B 121 -7.54 -16.18 -15.73
C TRP B 121 -6.81 -16.91 -14.62
N LEU B 122 -6.49 -16.18 -13.55
CA LEU B 122 -5.69 -16.73 -12.47
C LEU B 122 -6.47 -17.79 -11.69
N GLY B 123 -7.78 -17.57 -11.53
CA GLY B 123 -8.61 -18.51 -10.78
C GLY B 123 -8.71 -19.83 -11.51
N LYS B 124 -8.74 -19.76 -12.84
CA LYS B 124 -8.72 -20.98 -13.67
C LYS B 124 -7.40 -21.72 -13.56
N MET B 125 -6.30 -20.97 -13.58
CA MET B 125 -4.98 -21.55 -13.43
C MET B 125 -4.84 -22.34 -12.13
N LEU B 126 -5.51 -21.87 -11.08
CA LEU B 126 -5.51 -22.54 -9.77
C LEU B 126 -6.60 -23.61 -9.69
N GLU B 127 -7.42 -23.71 -10.72
CA GLU B 127 -8.61 -24.57 -10.69
C GLU B 127 -9.47 -24.33 -9.45
N LEU B 128 -9.74 -23.06 -9.14
CA LEU B 128 -10.59 -22.72 -8.00
C LEU B 128 -12.02 -23.19 -8.29
N PRO B 129 -12.76 -23.65 -7.26
CA PRO B 129 -14.19 -23.94 -7.44
C PRO B 129 -14.94 -22.83 -8.19
N ALA B 130 -15.80 -23.22 -9.13
CA ALA B 130 -16.56 -22.28 -9.97
C ALA B 130 -17.17 -21.11 -9.20
N GLU B 131 -17.53 -21.34 -7.94
CA GLU B 131 -18.20 -20.32 -7.13
C GLU B 131 -17.35 -19.07 -6.86
N PHE B 132 -16.03 -19.22 -6.96
CA PHE B 132 -15.10 -18.07 -6.79
C PHE B 132 -14.87 -17.25 -8.07
N LEU B 133 -15.31 -17.77 -9.22
CA LEU B 133 -15.01 -17.18 -10.52
C LEU B 133 -16.15 -16.27 -11.01
N ALA B 134 -15.80 -15.04 -11.39
CA ALA B 134 -16.81 -14.12 -11.91
C ALA B 134 -17.45 -14.63 -13.22
N CYS B 135 -16.66 -15.34 -14.03
CA CYS B 135 -17.14 -15.86 -15.31
C CYS B 135 -18.20 -16.97 -15.16
N SER B 136 -18.45 -17.40 -13.93
CA SER B 136 -19.48 -18.40 -13.66
C SER B 136 -20.88 -17.80 -13.47
N GLY B 137 -20.96 -16.47 -13.56
CA GLY B 137 -22.24 -15.77 -13.50
C GLY B 137 -22.85 -15.67 -12.11
N GLY B 138 -22.11 -16.09 -11.08
CA GLY B 138 -22.61 -16.04 -9.71
C GLY B 138 -22.28 -14.74 -8.99
N LYS B 139 -22.35 -14.76 -7.67
CA LYS B 139 -22.02 -13.57 -6.88
C LYS B 139 -20.53 -13.50 -6.58
N GLY B 140 -19.83 -14.62 -6.68
CA GLY B 140 -18.41 -14.71 -6.38
C GLY B 140 -17.49 -14.02 -7.39
N GLY B 141 -16.29 -13.66 -6.97
CA GLY B 141 -15.32 -13.03 -7.86
C GLY B 141 -14.03 -12.69 -7.13
N GLY B 142 -13.15 -11.95 -7.80
CA GLY B 142 -11.88 -11.60 -7.19
C GLY B 142 -11.51 -10.13 -7.19
N VAL B 143 -10.63 -9.76 -6.27
CA VAL B 143 -10.06 -8.40 -6.19
C VAL B 143 -8.54 -8.54 -6.02
N ILE B 144 -7.77 -7.63 -6.61
CA ILE B 144 -6.36 -7.62 -6.35
C ILE B 144 -6.12 -6.63 -5.22
N GLN B 145 -5.77 -7.15 -4.04
CA GLN B 145 -5.47 -6.32 -2.86
C GLN B 145 -3.98 -5.97 -2.90
N GLY B 146 -3.54 -5.16 -1.95
CA GLY B 146 -2.13 -4.80 -1.88
C GLY B 146 -1.28 -5.85 -1.16
N THR B 147 -1.82 -6.45 -0.11
CA THR B 147 -1.04 -7.36 0.71
C THR B 147 -1.93 -8.51 1.21
N ALA B 148 -1.31 -9.64 1.57
CA ALA B 148 -2.07 -10.70 2.27
C ALA B 148 -2.61 -10.21 3.62
N SER B 149 -1.86 -9.33 4.27
CA SER B 149 -2.29 -8.77 5.56
C SER B 149 -3.59 -8.02 5.40
N GLU B 150 -3.69 -7.21 4.35
CA GLU B 150 -4.89 -6.42 4.08
C GLU B 150 -6.02 -7.39 3.72
N SER B 151 -5.70 -8.39 2.91
CA SER B 151 -6.69 -9.40 2.51
C SER B 151 -7.34 -10.09 3.72
N THR B 152 -6.51 -10.54 4.66
CA THR B 152 -6.96 -11.16 5.91
C THR B 152 -7.84 -10.26 6.75
N LEU B 153 -7.46 -8.99 6.87
CA LEU B 153 -8.31 -7.99 7.55
C LEU B 153 -9.65 -7.76 6.86
N VAL B 154 -9.62 -7.61 5.53
CA VAL B 154 -10.83 -7.39 4.75
C VAL B 154 -11.84 -8.52 4.94
N ALA B 155 -11.34 -9.77 4.88
CA ALA B 155 -12.18 -10.95 5.14
C ALA B 155 -12.75 -10.95 6.56
N LEU B 156 -11.90 -10.61 7.52
CA LEU B 156 -12.33 -10.53 8.92
C LEU B 156 -13.46 -9.53 9.03
N LEU B 157 -13.25 -8.35 8.44
CA LEU B 157 -14.28 -7.29 8.50
C LEU B 157 -15.60 -7.68 7.84
N GLY B 158 -15.53 -8.37 6.69
CA GLY B 158 -16.73 -8.94 6.07
C GLY B 158 -17.44 -9.95 6.98
N ALA B 159 -16.65 -10.85 7.56
CA ALA B 159 -17.17 -11.90 8.46
C ALA B 159 -17.85 -11.31 9.69
N LYS B 160 -17.22 -10.28 10.24
CA LYS B 160 -17.74 -9.49 11.36
C LYS B 160 -19.11 -8.91 11.02
N ALA B 161 -19.19 -8.24 9.87
CA ALA B 161 -20.44 -7.64 9.41
C ALA B 161 -21.52 -8.71 9.19
N LYS B 162 -21.13 -9.84 8.59
CA LYS B 162 -22.05 -10.95 8.34
C LYS B 162 -22.59 -11.55 9.63
N LYS B 163 -21.70 -11.88 10.57
CA LYS B 163 -22.15 -12.43 11.85
C LYS B 163 -23.09 -11.46 12.56
N LEU B 164 -22.64 -10.21 12.72
CA LEU B 164 -23.44 -9.17 13.36
C LEU B 164 -24.87 -9.11 12.80
N LYS B 165 -24.98 -9.18 11.47
CA LYS B 165 -26.28 -9.15 10.80
C LYS B 165 -27.12 -10.42 11.04
N GLU B 166 -26.44 -11.53 11.32
CA GLU B 166 -27.10 -12.79 11.68
C GLU B 166 -27.58 -12.78 13.12
N VAL B 167 -26.72 -12.29 14.03
CA VAL B 167 -27.01 -12.31 15.47
C VAL B 167 -28.05 -11.25 15.87
N LYS B 168 -28.11 -10.15 15.12
CA LYS B 168 -29.13 -9.12 15.34
C LYS B 168 -30.53 -9.66 15.08
N GLU B 169 -30.64 -10.63 14.19
CA GLU B 169 -31.94 -11.23 13.85
C GLU B 169 -32.42 -12.25 14.91
N LEU B 170 -31.50 -13.05 15.44
CA LEU B 170 -31.83 -14.03 16.48
C LEU B 170 -31.88 -13.42 17.89
N HIS B 171 -31.36 -12.21 18.05
CA HIS B 171 -31.35 -11.53 19.35
C HIS B 171 -31.67 -10.03 19.20
N PRO B 172 -32.85 -9.69 18.65
CA PRO B 172 -33.21 -8.28 18.48
C PRO B 172 -33.23 -7.44 19.77
N GLU B 173 -33.16 -8.09 20.94
CA GLU B 173 -33.11 -7.36 22.22
C GLU B 173 -31.67 -7.05 22.66
N TRP B 174 -30.70 -7.74 22.07
CA TRP B 174 -29.27 -7.54 22.38
C TRP B 174 -28.71 -6.28 21.75
N ASP B 175 -27.78 -5.64 22.45
CA ASP B 175 -27.02 -4.51 21.91
C ASP B 175 -26.20 -4.96 20.72
N GLU B 176 -25.99 -4.06 19.77
CA GLU B 176 -25.03 -4.29 18.70
C GLU B 176 -23.65 -4.45 19.36
N HIS B 177 -23.38 -3.58 20.33
CA HIS B 177 -22.12 -3.55 21.09
C HIS B 177 -21.89 -4.81 21.96
N THR B 178 -22.98 -5.37 22.47
CA THR B 178 -22.95 -6.63 23.23
C THR B 178 -22.49 -7.79 22.34
N ILE B 179 -23.07 -7.88 21.14
CA ILE B 179 -22.72 -8.85 20.11
C ILE B 179 -21.23 -8.76 19.69
N LEU B 180 -20.79 -7.55 19.36
CA LEU B 180 -19.41 -7.31 18.93
C LEU B 180 -18.38 -7.77 19.96
N GLY B 181 -18.67 -7.53 21.24
CA GLY B 181 -17.76 -7.90 22.33
C GLY B 181 -17.66 -9.39 22.56
N LYS B 182 -18.60 -10.14 21.98
CA LYS B 182 -18.64 -11.59 22.08
C LYS B 182 -17.90 -12.29 20.92
N LEU B 183 -17.67 -11.58 19.83
CA LEU B 183 -17.06 -12.17 18.62
C LEU B 183 -15.66 -12.72 18.88
N VAL B 184 -15.39 -13.90 18.33
CA VAL B 184 -14.08 -14.53 18.49
C VAL B 184 -13.69 -15.25 17.20
N GLY B 185 -12.42 -15.10 16.83
CA GLY B 185 -11.86 -15.71 15.64
C GLY B 185 -10.75 -16.66 16.04
N TYR B 186 -10.34 -17.49 15.08
CA TYR B 186 -9.36 -18.58 15.32
C TYR B 186 -8.28 -18.62 14.24
N CYS B 187 -7.08 -19.01 14.62
CA CYS B 187 -6.03 -19.30 13.66
C CYS B 187 -5.03 -20.27 14.30
N SER B 188 -4.17 -20.87 13.49
CA SER B 188 -3.15 -21.75 14.03
C SER B 188 -2.13 -20.99 14.84
N ASP B 189 -1.52 -21.65 15.82
CA ASP B 189 -0.40 -21.05 16.52
C ASP B 189 0.76 -20.75 15.56
N GLN B 190 0.72 -21.32 14.37
CA GLN B 190 1.74 -21.04 13.35
C GLN B 190 1.26 -20.01 12.29
N ALA B 191 0.06 -19.42 12.47
CA ALA B 191 -0.44 -18.44 11.49
C ALA B 191 0.43 -17.19 11.53
N HIS B 192 0.38 -16.41 10.46
CA HIS B 192 1.26 -15.23 10.40
C HIS B 192 0.75 -14.14 11.34
N SER B 193 1.66 -13.31 11.86
CA SER B 193 1.30 -12.18 12.73
C SER B 193 0.22 -11.28 12.15
N SER B 194 0.02 -11.32 10.82
CA SER B 194 -1.03 -10.52 10.18
C SER B 194 -2.44 -10.91 10.61
N VAL B 195 -2.62 -12.15 11.07
CA VAL B 195 -3.91 -12.55 11.62
C VAL B 195 -4.15 -11.83 12.97
N GLU B 196 -3.14 -11.84 13.84
CA GLU B 196 -3.20 -11.10 15.10
C GLU B 196 -3.56 -9.64 14.84
N ARG B 197 -2.86 -9.04 13.88
CA ARG B 197 -3.10 -7.65 13.46
C ARG B 197 -4.54 -7.45 13.03
N ALA B 198 -5.07 -8.35 12.21
CA ALA B 198 -6.46 -8.29 11.77
C ALA B 198 -7.44 -8.36 12.96
N GLY B 199 -7.12 -9.21 13.95
CA GLY B 199 -7.95 -9.36 15.17
C GLY B 199 -7.98 -8.09 15.98
N LEU B 200 -6.80 -7.53 16.20
CA LEU B 200 -6.63 -6.23 16.86
C LEU B 200 -7.37 -5.09 16.14
N LEU B 201 -7.11 -4.91 14.84
CA LEU B 201 -7.74 -3.84 14.06
C LEU B 201 -9.22 -4.13 13.84
N GLY B 202 -9.59 -5.42 13.88
CA GLY B 202 -10.97 -5.79 13.67
C GLY B 202 -11.79 -5.70 14.94
N GLY B 203 -11.12 -5.52 16.08
CA GLY B 203 -11.79 -5.34 17.36
C GLY B 203 -12.52 -6.58 17.86
N VAL B 204 -11.87 -7.73 17.72
CA VAL B 204 -12.47 -9.00 18.10
C VAL B 204 -11.47 -9.82 18.89
N LYS B 205 -11.94 -10.84 19.60
CA LYS B 205 -11.04 -11.77 20.26
C LYS B 205 -10.43 -12.72 19.23
N LEU B 206 -9.19 -13.13 19.45
CA LEU B 206 -8.58 -14.11 18.56
C LEU B 206 -7.95 -15.24 19.38
N ARG B 207 -8.28 -16.48 18.99
CA ARG B 207 -7.77 -17.65 19.68
C ARG B 207 -6.72 -18.33 18.82
N SER B 208 -5.57 -18.61 19.43
CA SER B 208 -4.48 -19.35 18.81
C SER B 208 -4.75 -20.83 19.12
N VAL B 209 -4.98 -21.61 18.06
CA VAL B 209 -5.29 -23.04 18.17
C VAL B 209 -4.00 -23.84 18.07
N GLN B 210 -3.77 -24.71 19.07
CA GLN B 210 -2.59 -25.55 19.14
C GLN B 210 -2.42 -26.43 17.91
N SER B 211 -1.30 -26.28 17.20
CA SER B 211 -1.04 -27.11 16.02
C SER B 211 -0.43 -28.46 16.41
N GLU B 212 -0.45 -29.40 15.47
CA GLU B 212 0.21 -30.68 15.68
C GLU B 212 1.13 -30.93 14.50
N ASN B 213 2.43 -31.12 14.77
CA ASN B 213 3.44 -31.22 13.69
C ASN B 213 3.29 -30.02 12.77
N HIS B 214 3.16 -28.85 13.40
CA HIS B 214 3.04 -27.52 12.74
C HIS B 214 1.75 -27.29 11.95
N ARG B 215 0.77 -28.19 12.09
CA ARG B 215 -0.43 -28.17 11.25
C ARG B 215 -1.69 -28.15 12.11
N MET B 216 -2.64 -27.28 11.77
CA MET B 216 -3.89 -27.22 12.53
C MET B 216 -4.89 -28.27 12.07
N ARG B 217 -5.36 -29.09 13.01
CA ARG B 217 -6.37 -30.10 12.73
C ARG B 217 -7.78 -29.56 12.96
N GLY B 218 -8.74 -30.12 12.20
CA GLY B 218 -10.15 -29.79 12.38
C GLY B 218 -10.61 -29.95 13.83
N ALA B 219 -10.18 -31.03 14.48
CA ALA B 219 -10.61 -31.33 15.85
C ALA B 219 -10.15 -30.30 16.85
N ALA B 220 -8.94 -29.78 16.64
CA ALA B 220 -8.37 -28.80 17.55
C ALA B 220 -9.13 -27.48 17.40
N LEU B 221 -9.46 -27.16 16.16
CA LEU B 221 -10.24 -25.96 15.89
C LEU B 221 -11.65 -26.10 16.52
N GLU B 222 -12.26 -27.28 16.35
CA GLU B 222 -13.62 -27.53 16.86
C GLU B 222 -13.67 -27.45 18.38
N LYS B 223 -12.68 -28.07 19.01
CA LYS B 223 -12.52 -28.04 20.45
C LYS B 223 -12.42 -26.60 21.00
N ALA B 224 -11.65 -25.74 20.32
CA ALA B 224 -11.52 -24.33 20.76
C ALA B 224 -12.83 -23.57 20.57
N ILE B 225 -13.51 -23.85 19.46
CA ILE B 225 -14.81 -23.24 19.16
C ILE B 225 -15.82 -23.59 20.26
N GLU B 226 -15.99 -24.89 20.49
CA GLU B 226 -16.97 -25.38 21.45
C GLU B 226 -16.70 -24.81 22.84
N GLN B 227 -15.44 -24.80 23.27
CA GLN B 227 -15.05 -24.12 24.51
C GLN B 227 -15.56 -22.67 24.63
N ASP B 228 -15.46 -21.91 23.54
CA ASP B 228 -15.84 -20.49 23.55
C ASP B 228 -17.36 -20.29 23.62
N VAL B 229 -18.08 -21.04 22.78
CA VAL B 229 -19.54 -21.12 22.82
C VAL B 229 -20.04 -21.46 24.24
N ALA B 230 -19.32 -22.38 24.90
CA ALA B 230 -19.61 -22.76 26.29
C ALA B 230 -19.51 -21.59 27.28
N GLU B 231 -18.80 -20.52 26.91
CA GLU B 231 -18.77 -19.31 27.74
C GLU B 231 -19.62 -18.17 27.16
N GLY B 232 -20.51 -18.52 26.24
CA GLY B 232 -21.42 -17.54 25.65
C GLY B 232 -20.77 -16.60 24.65
N LEU B 233 -19.61 -16.99 24.12
CA LEU B 233 -18.94 -16.23 23.06
C LEU B 233 -19.46 -16.65 21.68
N ILE B 234 -19.20 -15.84 20.65
CA ILE B 234 -19.72 -16.09 19.30
C ILE B 234 -18.55 -16.24 18.30
N PRO B 235 -18.20 -17.49 17.96
CA PRO B 235 -17.20 -17.76 16.89
C PRO B 235 -17.71 -17.22 15.54
N PHE B 236 -16.85 -16.59 14.74
CA PHE B 236 -17.32 -15.99 13.47
C PHE B 236 -16.35 -16.11 12.28
N TYR B 237 -15.09 -16.44 12.58
CA TYR B 237 -14.02 -16.33 11.59
C TYR B 237 -12.91 -17.31 11.95
N ALA B 238 -12.38 -18.02 10.97
CA ALA B 238 -11.09 -18.66 11.20
C ALA B 238 -10.23 -18.59 9.95
N VAL B 239 -8.93 -18.44 10.20
CA VAL B 239 -7.91 -18.43 9.15
C VAL B 239 -7.21 -19.79 9.14
N VAL B 240 -7.28 -20.42 7.98
CA VAL B 240 -6.61 -21.69 7.65
C VAL B 240 -5.39 -21.36 6.78
N THR B 241 -4.21 -21.73 7.26
CA THR B 241 -2.98 -21.34 6.59
C THR B 241 -2.43 -22.48 5.74
N LEU B 242 -2.27 -22.23 4.45
CA LEU B 242 -1.63 -23.20 3.55
C LEU B 242 -0.24 -22.68 3.18
N GLY B 243 0.74 -23.09 3.97
CA GLY B 243 2.12 -22.67 3.79
C GLY B 243 2.50 -21.66 4.86
N THR B 244 2.60 -22.12 6.12
CA THR B 244 2.97 -21.25 7.23
C THR B 244 4.33 -20.55 7.01
N THR B 245 4.50 -19.36 7.59
CA THR B 245 5.75 -18.64 7.37
C THR B 245 6.99 -19.33 7.96
N ASN B 246 6.84 -19.96 9.14
CA ASN B 246 7.97 -20.61 9.81
C ASN B 246 8.54 -21.80 9.04
N SER B 247 7.68 -22.69 8.58
CA SER B 247 8.16 -23.96 7.99
C SER B 247 7.43 -24.41 6.74
N CYS B 248 6.51 -23.58 6.26
CA CYS B 248 5.66 -23.89 5.12
C CYS B 248 4.87 -25.19 5.36
N ALA B 249 4.28 -25.29 6.54
CA ALA B 249 3.36 -26.39 6.85
C ALA B 249 1.98 -26.02 6.32
N PHE B 250 1.10 -27.02 6.21
CA PHE B 250 -0.23 -26.83 5.67
C PHE B 250 -1.29 -27.26 6.66
N ASP B 251 -2.10 -26.30 7.10
CA ASP B 251 -3.29 -26.64 7.90
C ASP B 251 -4.21 -27.60 7.16
N TYR B 252 -4.96 -28.40 7.91
CA TYR B 252 -5.85 -29.37 7.27
C TYR B 252 -7.13 -28.72 6.81
N LEU B 253 -7.11 -28.11 5.62
CA LEU B 253 -8.29 -27.38 5.13
C LEU B 253 -9.45 -28.36 4.93
N ASP B 254 -9.13 -29.58 4.55
CA ASP B 254 -10.18 -30.59 4.37
C ASP B 254 -10.97 -30.87 5.67
N GLU B 255 -10.30 -30.70 6.82
CA GLU B 255 -10.93 -30.90 8.14
C GLU B 255 -11.53 -29.58 8.66
N CYS B 256 -10.73 -28.53 8.56
CA CYS B 256 -11.06 -27.25 9.19
C CYS B 256 -12.23 -26.54 8.51
N GLY B 257 -12.28 -26.64 7.19
CA GLY B 257 -13.31 -26.00 6.40
C GLY B 257 -14.69 -26.43 6.90
N PRO B 258 -15.00 -27.73 6.79
CA PRO B 258 -16.31 -28.22 7.26
C PRO B 258 -16.58 -27.90 8.73
N VAL B 259 -15.55 -27.89 9.58
CA VAL B 259 -15.73 -27.47 10.96
C VAL B 259 -16.29 -26.04 10.97
N GLY B 260 -15.68 -25.15 10.19
CA GLY B 260 -16.14 -23.76 10.09
C GLY B 260 -17.53 -23.67 9.49
N ASN B 261 -17.76 -24.42 8.42
CA ASN B 261 -19.09 -24.52 7.80
C ASN B 261 -20.15 -24.91 8.82
N LYS B 262 -19.89 -26.00 9.55
CA LYS B 262 -20.85 -26.54 10.52
C LYS B 262 -21.27 -25.54 11.60
N HIS B 263 -20.29 -24.79 12.13
CA HIS B 263 -20.51 -23.85 13.23
C HIS B 263 -20.71 -22.42 12.75
N ASN B 264 -20.91 -22.26 11.46
CA ASN B 264 -21.10 -20.94 10.84
C ASN B 264 -20.01 -19.90 11.18
N LEU B 265 -18.78 -20.28 10.84
CA LEU B 265 -17.64 -19.36 10.85
C LEU B 265 -17.22 -19.15 9.41
N TRP B 266 -16.95 -17.89 9.05
CA TRP B 266 -16.33 -17.58 7.76
C TRP B 266 -14.94 -18.20 7.73
N ILE B 267 -14.63 -18.97 6.69
CA ILE B 267 -13.29 -19.61 6.55
C ILE B 267 -12.48 -18.82 5.51
N HIS B 268 -11.39 -18.21 5.97
CA HIS B 268 -10.49 -17.53 5.05
C HIS B 268 -9.23 -18.36 4.91
N VAL B 269 -8.76 -18.52 3.67
CA VAL B 269 -7.56 -19.31 3.41
C VAL B 269 -6.40 -18.39 3.07
N ASP B 270 -5.39 -18.38 3.93
CA ASP B 270 -4.16 -17.60 3.75
C ASP B 270 -3.13 -18.57 3.16
N ALA B 271 -2.92 -18.43 1.86
CA ALA B 271 -1.95 -19.22 1.11
C ALA B 271 -0.93 -18.27 0.47
N ALA B 272 -0.54 -17.23 1.21
CA ALA B 272 0.19 -16.10 0.61
C ALA B 272 1.39 -16.53 -0.23
N TYR B 273 2.23 -17.41 0.32
CA TYR B 273 3.42 -17.93 -0.37
C TYR B 273 3.09 -19.15 -1.22
N ALA B 274 2.67 -20.23 -0.54
CA ALA B 274 2.52 -21.53 -1.20
C ALA B 274 1.43 -21.58 -2.26
N GLY B 275 0.49 -20.64 -2.18
CA GLY B 275 -0.61 -20.60 -3.12
C GLY B 275 -0.15 -20.59 -4.58
N SER B 276 1.00 -19.99 -4.88
CA SER B 276 1.49 -19.93 -6.26
C SER B 276 1.70 -21.34 -6.84
N ALA B 277 2.07 -22.29 -5.99
CA ALA B 277 2.26 -23.69 -6.42
C ALA B 277 0.99 -24.36 -6.92
N PHE B 278 -0.18 -23.88 -6.52
CA PHE B 278 -1.43 -24.55 -6.93
C PHE B 278 -1.78 -24.38 -8.42
N ILE B 279 -0.95 -23.63 -9.16
CA ILE B 279 -1.05 -23.58 -10.62
C ILE B 279 -0.53 -24.89 -11.25
N CYS B 280 0.10 -25.73 -10.44
CA CYS B 280 0.63 -27.01 -10.86
C CYS B 280 -0.30 -28.12 -10.36
N PRO B 281 -0.84 -28.97 -11.28
CA PRO B 281 -1.78 -30.03 -10.87
C PRO B 281 -1.31 -30.91 -9.70
N GLU B 282 -0.02 -31.24 -9.68
CA GLU B 282 0.54 -32.13 -8.65
C GLU B 282 0.59 -31.57 -7.22
N TYR B 283 0.40 -30.25 -7.10
CA TYR B 283 0.35 -29.59 -5.78
C TYR B 283 -1.04 -29.15 -5.34
N ARG B 284 -2.02 -29.22 -6.24
CA ARG B 284 -3.40 -28.82 -5.91
C ARG B 284 -4.06 -29.60 -4.78
N HIS B 285 -3.60 -30.82 -4.53
CA HIS B 285 -4.15 -31.61 -3.43
C HIS B 285 -3.93 -30.93 -2.08
N LEU B 286 -3.01 -29.96 -2.05
CA LEU B 286 -2.71 -29.25 -0.82
C LEU B 286 -3.78 -28.22 -0.48
N MET B 287 -4.68 -27.92 -1.41
CA MET B 287 -5.88 -27.14 -1.06
C MET B 287 -7.20 -27.92 -1.12
N LYS B 288 -7.12 -29.24 -1.00
CA LYS B 288 -8.29 -30.05 -0.77
C LYS B 288 -9.13 -29.43 0.34
N GLY B 289 -10.41 -29.29 0.11
CA GLY B 289 -11.30 -28.65 1.05
C GLY B 289 -11.60 -27.21 0.64
N ILE B 290 -11.03 -26.78 -0.47
CA ILE B 290 -11.21 -25.38 -0.95
C ILE B 290 -12.67 -25.01 -1.19
N GLU B 291 -13.50 -26.00 -1.55
CA GLU B 291 -14.95 -25.80 -1.68
C GLU B 291 -15.60 -25.22 -0.43
N SER B 292 -15.03 -25.52 0.74
CA SER B 292 -15.63 -25.11 2.02
C SER B 292 -15.24 -23.67 2.41
N ALA B 293 -14.31 -23.07 1.66
CA ALA B 293 -13.76 -21.75 2.00
C ALA B 293 -14.67 -20.62 1.55
N ASP B 294 -14.71 -19.54 2.34
CA ASP B 294 -15.45 -18.34 1.97
C ASP B 294 -14.58 -17.32 1.24
N SER B 295 -13.27 -17.35 1.53
CA SER B 295 -12.31 -16.51 0.81
C SER B 295 -10.98 -17.21 0.71
N PHE B 296 -10.20 -16.86 -0.32
CA PHE B 296 -8.95 -17.51 -0.57
C PHE B 296 -7.97 -16.43 -1.07
N ASN B 297 -6.73 -16.46 -0.59
CA ASN B 297 -5.76 -15.39 -0.96
C ASN B 297 -4.39 -16.01 -1.14
N PHE B 298 -3.68 -15.59 -2.18
CA PHE B 298 -2.25 -15.80 -2.24
C PHE B 298 -1.61 -14.57 -2.90
N ASN B 299 -0.30 -14.45 -2.77
CA ASN B 299 0.46 -13.31 -3.34
C ASN B 299 1.31 -13.70 -4.52
N PRO B 300 0.86 -13.39 -5.75
CA PRO B 300 1.77 -13.47 -6.91
C PRO B 300 3.05 -12.67 -6.65
N HIS B 301 3.01 -11.66 -5.79
CA HIS B 301 4.23 -10.85 -5.56
C HIS B 301 5.29 -11.52 -4.66
N TRP B 303 5.91 -15.52 -4.94
CA TRP B 303 6.48 -16.62 -5.69
C TRP B 303 6.01 -16.70 -7.13
N MET B 304 5.20 -15.74 -7.61
CA MET B 304 4.71 -15.87 -8.98
C MET B 304 5.11 -14.73 -9.94
N LEU B 305 6.25 -14.09 -9.65
CA LEU B 305 6.89 -13.23 -10.65
C LEU B 305 6.16 -11.93 -10.97
N VAL B 306 5.20 -11.56 -10.11
CA VAL B 306 4.48 -10.27 -10.26
C VAL B 306 4.97 -9.25 -9.21
N ASN B 307 5.74 -8.26 -9.64
CA ASN B 307 6.33 -7.27 -8.70
C ASN B 307 5.22 -6.75 -7.75
N PHE B 308 5.58 -6.49 -6.49
CA PHE B 308 4.63 -5.88 -5.54
C PHE B 308 4.04 -4.58 -6.08
N ASP B 309 2.82 -4.26 -5.69
CA ASP B 309 2.02 -5.18 -4.92
C ASP B 309 0.99 -5.89 -5.74
N CYS B 310 0.74 -7.14 -5.36
CA CYS B 310 -0.25 -7.97 -6.02
C CYS B 310 -0.62 -9.13 -5.10
N SER B 311 -1.73 -8.96 -4.38
CA SER B 311 -2.25 -10.01 -3.50
C SER B 311 -3.63 -10.36 -4.06
N ALA B 312 -3.76 -11.58 -4.56
CA ALA B 312 -4.97 -12.00 -5.28
C ALA B 312 -5.95 -12.67 -4.31
N MET B 313 -7.15 -12.10 -4.20
CA MET B 313 -8.16 -12.56 -3.24
C MET B 313 -9.48 -12.86 -3.93
N TRP B 314 -9.97 -14.08 -3.73
CA TRP B 314 -11.31 -14.48 -4.23
C TRP B 314 -12.28 -14.68 -3.05
N LEU B 315 -13.55 -14.32 -3.28
CA LEU B 315 -14.60 -14.46 -2.29
C LEU B 315 -15.81 -15.11 -2.93
N LYS B 316 -16.54 -15.91 -2.16
CA LYS B 316 -17.79 -16.48 -2.66
C LYS B 316 -18.87 -15.41 -2.83
N ASP B 317 -18.75 -14.33 -2.06
CA ASP B 317 -19.61 -13.17 -2.21
C ASP B 317 -18.84 -11.91 -1.84
N PRO B 318 -18.26 -11.23 -2.84
CA PRO B 318 -17.32 -10.13 -2.65
C PRO B 318 -18.02 -8.84 -2.24
N SER B 319 -19.34 -8.90 -2.06
CA SER B 319 -20.13 -7.75 -1.61
C SER B 319 -20.27 -7.64 -0.09
N TRP B 320 -19.74 -8.64 0.64
CA TRP B 320 -19.76 -8.59 2.10
C TRP B 320 -18.68 -7.67 2.66
N VAL B 321 -17.72 -7.31 1.80
CA VAL B 321 -16.62 -6.43 2.18
C VAL B 321 -16.85 -5.02 1.64
N PRO B 349 -15.08 -2.15 -5.14
CA PRO B 349 -14.09 -1.10 -5.30
C PRO B 349 -12.84 -1.60 -6.04
N LEU B 350 -12.98 -1.84 -7.34
CA LEU B 350 -11.93 -2.45 -8.16
C LEU B 350 -11.07 -1.43 -8.88
N GLY B 351 -9.91 -1.91 -9.36
CA GLY B 351 -9.09 -1.17 -10.30
C GLY B 351 -8.18 -0.14 -9.71
N ARG B 352 -8.12 -0.07 -8.37
CA ARG B 352 -7.24 0.89 -7.70
C ARG B 352 -5.78 0.57 -7.99
N ARG B 353 -5.05 1.57 -8.49
CA ARG B 353 -3.65 1.45 -8.86
C ARG B 353 -3.40 0.62 -10.14
N PHE B 354 -4.48 0.18 -10.80
CA PHE B 354 -4.38 -0.61 -12.03
C PHE B 354 -3.43 -1.79 -11.90
N ARG B 355 -3.57 -2.54 -10.80
CA ARG B 355 -2.68 -3.66 -10.58
C ARG B 355 -2.92 -4.78 -11.59
N ALA B 356 -4.05 -4.75 -12.28
CA ALA B 356 -4.33 -5.80 -13.27
C ALA B 356 -3.34 -5.79 -14.43
N LEU B 357 -2.85 -4.60 -14.77
CA LEU B 357 -1.96 -4.46 -15.90
C LEU B 357 -0.74 -5.36 -15.74
N LYS B 358 -0.05 -5.30 -14.59
CA LYS B 358 1.15 -6.13 -14.46
C LYS B 358 0.81 -7.63 -14.45
N LEU B 359 -0.35 -7.97 -13.90
CA LEU B 359 -0.74 -9.38 -13.88
C LEU B 359 -0.94 -9.89 -15.30
N TRP B 360 -1.61 -9.08 -16.11
CA TRP B 360 -1.84 -9.36 -17.54
C TRP B 360 -0.51 -9.53 -18.27
N PHE B 361 0.43 -8.59 -18.06
CA PHE B 361 1.73 -8.65 -18.74
C PHE B 361 2.49 -9.93 -18.37
N VAL B 362 2.48 -10.28 -17.09
CA VAL B 362 3.23 -11.45 -16.61
C VAL B 362 2.60 -12.73 -17.18
N LEU B 363 1.29 -12.86 -17.06
CA LEU B 363 0.57 -14.07 -17.53
C LEU B 363 0.76 -14.23 -19.04
N ARG B 364 0.72 -13.12 -19.79
CA ARG B 364 0.94 -13.17 -21.25
C ARG B 364 2.37 -13.45 -21.64
N LEU B 365 3.32 -12.80 -20.98
CA LEU B 365 4.70 -12.85 -21.43
C LEU B 365 5.50 -14.02 -20.86
N TYR B 366 4.99 -14.66 -19.80
CA TYR B 366 5.51 -15.95 -19.36
C TYR B 366 4.71 -17.12 -19.95
N GLY B 367 3.39 -17.02 -19.88
CA GLY B 367 2.47 -18.12 -20.20
C GLY B 367 2.43 -19.14 -19.05
N VAL B 368 1.34 -19.91 -18.99
CA VAL B 368 1.12 -20.91 -17.93
C VAL B 368 2.32 -21.88 -17.80
N GLU B 369 2.78 -22.45 -18.90
CA GLU B 369 3.85 -23.46 -18.82
C GLU B 369 5.13 -23.00 -18.12
N ASN B 370 5.61 -21.82 -18.52
CA ASN B 370 6.80 -21.25 -17.91
C ASN B 370 6.61 -20.93 -16.42
N LEU B 371 5.41 -20.48 -16.03
CA LEU B 371 5.17 -20.20 -14.60
C LEU B 371 5.18 -21.51 -13.81
N GLN B 372 4.61 -22.55 -14.42
CA GLN B 372 4.60 -23.89 -13.79
C GLN B 372 6.02 -24.39 -13.61
N ALA B 373 6.83 -24.15 -14.63
CA ALA B 373 8.21 -24.62 -14.67
C ALA B 373 9.03 -23.94 -13.59
N HIS B 374 8.70 -22.69 -13.32
CA HIS B 374 9.33 -21.88 -12.27
C HIS B 374 9.12 -22.48 -10.88
N ILE B 375 7.85 -22.74 -10.56
CA ILE B 375 7.48 -23.42 -9.30
C ILE B 375 8.18 -24.77 -9.14
N ARG B 376 8.13 -25.57 -10.20
CA ARG B 376 8.70 -26.91 -10.16
C ARG B 376 10.21 -26.92 -9.91
N ARG B 377 10.92 -26.02 -10.57
CA ARG B 377 12.35 -25.96 -10.43
C ARG B 377 12.68 -25.61 -8.99
N HIS B 378 11.94 -24.66 -8.41
CA HIS B 378 12.23 -24.25 -7.05
C HIS B 378 11.94 -25.36 -6.03
N CYS B 379 10.82 -26.05 -6.21
CA CYS B 379 10.53 -27.21 -5.34
C CYS B 379 11.65 -28.25 -5.43
N ASN B 380 12.09 -28.52 -6.66
CA ASN B 380 13.17 -29.48 -6.86
C ASN B 380 14.49 -29.04 -6.24
N PHE B 381 14.81 -27.74 -6.33
CA PHE B 381 16.03 -27.19 -5.71
C PHE B 381 16.01 -27.38 -4.18
N ALA B 382 14.84 -27.20 -3.58
CA ALA B 382 14.68 -27.33 -2.13
C ALA B 382 14.96 -28.79 -1.73
N LYS B 383 14.38 -29.72 -2.47
CA LYS B 383 14.62 -31.15 -2.25
C LYS B 383 16.11 -31.46 -2.35
N GLN B 384 16.75 -30.91 -3.38
CA GLN B 384 18.20 -31.10 -3.56
C GLN B 384 19.00 -30.63 -2.34
N PHE B 385 18.75 -29.39 -1.90
CA PHE B 385 19.38 -28.87 -0.71
C PHE B 385 19.11 -29.77 0.51
N GLY B 386 17.85 -30.19 0.68
CA GLY B 386 17.51 -31.03 1.83
C GLY B 386 18.31 -32.33 1.83
N ASP B 387 18.45 -32.94 0.67
CA ASP B 387 19.26 -34.17 0.50
C ASP B 387 20.70 -33.96 0.93
N LEU B 388 21.30 -32.86 0.50
CA LEU B 388 22.68 -32.51 0.90
C LEU B 388 22.80 -32.30 2.40
N CYS B 389 21.80 -31.67 2.99
CA CYS B 389 21.79 -31.43 4.42
C CYS B 389 21.74 -32.74 5.23
N VAL B 390 20.77 -33.58 4.92
CA VAL B 390 20.56 -34.81 5.73
C VAL B 390 21.72 -35.82 5.62
N ALA B 391 22.42 -35.77 4.47
CA ALA B 391 23.62 -36.57 4.22
C ALA B 391 24.77 -36.24 5.17
N ASP B 392 24.69 -35.07 5.80
CA ASP B 392 25.63 -34.69 6.81
C ASP B 392 24.99 -35.06 8.13
N SER B 393 25.56 -36.07 8.79
CA SER B 393 24.98 -36.58 10.02
C SER B 393 25.03 -35.60 11.21
N ARG B 394 25.69 -34.46 11.06
CA ARG B 394 25.70 -33.44 12.09
C ARG B 394 24.41 -32.64 12.13
N PHE B 395 23.66 -32.72 11.03
CA PHE B 395 22.45 -31.94 10.83
C PHE B 395 21.19 -32.78 10.81
N GLU B 396 20.08 -32.10 11.06
CA GLU B 396 18.75 -32.72 11.03
C GLU B 396 17.80 -31.69 10.41
N LEU B 397 16.77 -32.17 9.71
CA LEU B 397 15.67 -31.29 9.29
C LEU B 397 14.83 -30.92 10.50
N ALA B 398 14.35 -29.66 10.53
CA ALA B 398 13.49 -29.19 11.59
C ALA B 398 12.01 -29.27 11.18
N ALA B 399 11.77 -29.58 9.91
CA ALA B 399 10.42 -29.73 9.39
C ALA B 399 10.46 -30.49 8.07
N GLU B 400 9.33 -31.05 7.68
CA GLU B 400 9.27 -31.72 6.38
C GLU B 400 9.56 -30.64 5.32
N ILE B 401 10.29 -31.00 4.28
CA ILE B 401 10.55 -30.01 3.21
C ILE B 401 9.26 -29.78 2.43
N ASN B 402 8.87 -28.53 2.25
CA ASN B 402 7.71 -28.22 1.45
C ASN B 402 8.04 -27.02 0.58
N MET B 403 7.55 -27.08 -0.65
CA MET B 403 7.68 -25.98 -1.58
C MET B 403 9.14 -25.59 -1.71
N GLY B 404 9.44 -24.30 -1.66
CA GLY B 404 10.81 -23.83 -1.84
C GLY B 404 11.62 -23.62 -0.56
N LEU B 405 11.24 -24.30 0.52
CA LEU B 405 11.80 -24.00 1.83
C LEU B 405 12.37 -25.25 2.50
N VAL B 406 13.60 -25.12 3.02
CA VAL B 406 14.22 -26.13 3.91
C VAL B 406 14.52 -25.52 5.26
N CYS B 407 13.97 -26.14 6.31
CA CYS B 407 14.23 -25.79 7.69
C CYS B 407 15.17 -26.84 8.28
N PHE B 408 16.29 -26.42 8.84
CA PHE B 408 17.32 -27.36 9.31
C PHE B 408 18.11 -26.76 10.47
N ARG B 409 18.85 -27.61 11.19
CA ARG B 409 19.68 -27.13 12.28
C ARG B 409 20.77 -28.16 12.55
N LEU B 410 21.86 -27.73 13.19
CA LEU B 410 22.83 -28.69 13.76
C LEU B 410 22.14 -29.41 14.91
N LYS B 411 22.30 -30.73 14.98
CA LYS B 411 21.90 -31.46 16.19
C LYS B 411 22.62 -30.84 17.38
N GLY B 412 21.88 -30.64 18.48
CA GLY B 412 22.43 -29.92 19.61
C GLY B 412 21.55 -28.76 20.02
N SER B 413 22.16 -27.78 20.66
CA SER B 413 21.44 -26.69 21.30
C SER B 413 20.97 -25.64 20.30
N ASN B 414 19.88 -24.97 20.63
CA ASN B 414 19.52 -23.73 19.94
C ASN B 414 20.71 -22.77 19.90
N GLU B 415 21.45 -22.67 21.01
CA GLU B 415 22.55 -21.68 21.08
C GLU B 415 23.64 -21.94 20.07
N ARG B 416 23.98 -23.21 19.84
CA ARG B 416 25.03 -23.52 18.86
C ARG B 416 24.52 -23.23 17.43
N ASN B 417 23.20 -23.35 17.25
CA ASN B 417 22.57 -22.99 15.97
C ASN B 417 22.53 -21.48 15.73
N GLU B 418 22.27 -20.72 16.78
CA GLU B 418 22.37 -19.27 16.67
C GLU B 418 23.77 -18.83 16.29
N ALA B 419 24.79 -19.47 16.89
CA ALA B 419 26.19 -19.19 16.56
C ALA B 419 26.46 -19.50 15.08
N LEU B 420 25.94 -20.65 14.65
CA LEU B 420 26.14 -21.10 13.26
C LEU B 420 25.56 -20.06 12.29
N LEU B 421 24.30 -19.69 12.53
CA LEU B 421 23.67 -18.69 11.66
C LEU B 421 24.45 -17.38 11.59
N LYS B 422 24.90 -16.90 12.75
CA LYS B 422 25.67 -15.66 12.81
C LYS B 422 26.97 -15.81 12.02
N ARG B 423 27.59 -16.98 12.18
CA ARG B 423 28.84 -17.27 11.49
C ARG B 423 28.63 -17.29 9.98
N ILE B 424 27.59 -17.99 9.51
CA ILE B 424 27.30 -18.04 8.09
C ILE B 424 27.06 -16.64 7.53
N ASN B 425 26.16 -15.89 8.15
CA ASN B 425 25.88 -14.54 7.66
C ASN B 425 27.13 -13.66 7.69
N GLY B 426 27.96 -13.82 8.71
CA GLY B 426 29.19 -13.04 8.80
C GLY B 426 30.26 -13.34 7.77
N ARG B 427 30.23 -14.55 7.22
CA ARG B 427 31.19 -15.00 6.24
C ARG B 427 30.99 -14.33 4.87
N GLY B 428 29.76 -13.89 4.62
CA GLY B 428 29.45 -13.06 3.45
C GLY B 428 29.41 -13.79 2.12
N HIS B 429 29.25 -15.11 2.15
CA HIS B 429 29.09 -15.86 0.90
C HIS B 429 27.64 -16.15 0.57
N ILE B 430 26.85 -16.45 1.61
CA ILE B 430 25.40 -16.55 1.44
C ILE B 430 24.72 -15.86 2.62
N HIS B 431 23.40 -15.68 2.53
CA HIS B 431 22.59 -15.15 3.66
C HIS B 431 21.45 -16.13 3.93
N LEU B 432 21.27 -16.51 5.20
CA LEU B 432 20.13 -17.30 5.63
C LEU B 432 19.39 -16.56 6.76
N VAL B 433 18.20 -17.06 7.04
CA VAL B 433 17.36 -16.55 8.12
C VAL B 433 16.96 -17.64 9.13
N PRO B 434 16.80 -17.23 10.39
CA PRO B 434 16.37 -18.12 11.47
C PRO B 434 14.88 -18.11 11.71
N ALA B 435 14.39 -19.17 12.35
CA ALA B 435 13.02 -19.21 12.86
C ALA B 435 12.98 -20.13 14.08
N LYS B 436 11.86 -20.08 14.80
CA LYS B 436 11.71 -20.84 16.03
C LYS B 436 10.26 -21.29 16.17
N ILE B 437 10.07 -22.59 16.40
CA ILE B 437 8.73 -23.14 16.64
C ILE B 437 8.80 -23.81 18.00
N LYS B 438 8.04 -23.26 18.96
CA LYS B 438 8.02 -23.79 20.33
C LYS B 438 9.42 -24.24 20.81
N ASP B 439 10.26 -23.27 21.14
CA ASP B 439 11.64 -23.51 21.62
C ASP B 439 12.57 -24.40 20.76
N VAL B 440 12.22 -24.64 19.49
CA VAL B 440 13.17 -25.25 18.56
C VAL B 440 13.61 -24.17 17.55
N TYR B 441 14.83 -23.69 17.71
CA TYR B 441 15.42 -22.67 16.83
C TYR B 441 16.02 -23.41 15.63
N PHE B 442 15.81 -22.89 14.42
CA PHE B 442 16.39 -23.55 13.26
C PHE B 442 16.72 -22.55 12.18
N LEU B 443 17.54 -22.97 11.21
CA LEU B 443 17.88 -22.10 10.08
C LEU B 443 16.94 -22.44 8.90
N ARG B 444 16.67 -21.41 8.08
CA ARG B 444 15.84 -21.58 6.88
C ARG B 444 16.64 -21.25 5.62
N MET B 445 16.52 -22.13 4.63
CA MET B 445 16.97 -21.86 3.27
C MET B 445 15.69 -21.86 2.44
N ALA B 446 15.25 -20.66 2.07
CA ALA B 446 14.20 -20.53 1.06
C ALA B 446 14.79 -20.08 -0.27
N ILE B 447 14.29 -20.66 -1.36
CA ILE B 447 14.66 -20.25 -2.72
C ILE B 447 13.92 -18.98 -3.02
N CYS B 448 14.66 -17.89 -3.14
CA CYS B 448 14.05 -16.57 -3.38
C CYS B 448 14.27 -16.15 -4.83
N SER B 449 15.53 -16.13 -5.24
CA SER B 449 15.89 -15.55 -6.54
C SER B 449 15.35 -16.31 -7.74
N ARG B 450 14.81 -15.57 -8.72
CA ARG B 450 14.38 -16.22 -9.94
C ARG B 450 15.58 -16.71 -10.77
N PHE B 451 16.78 -16.26 -10.40
CA PHE B 451 18.00 -16.68 -11.11
C PHE B 451 18.63 -17.95 -10.54
N THR B 452 18.00 -18.54 -9.54
CA THR B 452 18.58 -19.70 -8.90
C THR B 452 18.78 -20.88 -9.86
N GLN B 453 19.86 -21.61 -9.71
CA GLN B 453 20.24 -22.79 -10.48
C GLN B 453 20.61 -23.90 -9.52
N SER B 454 20.55 -25.14 -10.02
CA SER B 454 20.91 -26.31 -9.25
C SER B 454 22.19 -26.17 -8.42
N GLU B 455 23.24 -25.64 -9.02
CA GLU B 455 24.56 -25.53 -8.37
C GLU B 455 24.56 -24.57 -7.22
N ASP B 456 23.60 -23.64 -7.21
CA ASP B 456 23.41 -22.78 -6.05
C ASP B 456 23.07 -23.57 -4.79
N MET B 457 22.35 -24.67 -4.95
CA MET B 457 22.05 -25.53 -3.80
C MET B 457 23.34 -26.16 -3.25
N GLU B 458 24.19 -26.62 -4.17
CA GLU B 458 25.47 -27.21 -3.76
C GLU B 458 26.34 -26.15 -3.12
N TYR B 459 26.36 -24.96 -3.70
CA TYR B 459 27.14 -23.85 -3.12
C TYR B 459 26.66 -23.46 -1.71
N SER B 460 25.36 -23.26 -1.59
CA SER B 460 24.79 -22.89 -0.30
C SER B 460 25.00 -24.01 0.73
N TRP B 461 24.81 -25.27 0.34
CA TRP B 461 25.09 -26.36 1.30
C TRP B 461 26.56 -26.39 1.72
N LYS B 462 27.45 -26.33 0.74
CA LYS B 462 28.87 -26.39 1.05
C LYS B 462 29.30 -25.28 1.98
N GLU B 463 28.70 -24.10 1.82
CA GLU B 463 28.97 -22.96 2.70
C GLU B 463 28.50 -23.20 4.14
N VAL B 464 27.29 -23.77 4.30
CA VAL B 464 26.75 -24.12 5.62
C VAL B 464 27.71 -25.08 6.32
N SER B 465 28.05 -26.15 5.60
CA SER B 465 28.94 -27.18 6.11
C SER B 465 30.31 -26.65 6.45
N ALA B 466 30.86 -25.76 5.61
CA ALA B 466 32.14 -25.14 5.88
C ALA B 466 32.10 -24.27 7.13
N ALA B 467 31.00 -23.54 7.34
CA ALA B 467 30.90 -22.75 8.56
C ALA B 467 30.90 -23.64 9.80
N ALA B 468 30.18 -24.77 9.73
CA ALA B 468 30.09 -25.74 10.85
C ALA B 468 31.48 -26.32 11.16
N ASP B 469 32.25 -26.55 10.09
CA ASP B 469 33.63 -27.04 10.20
C ASP B 469 34.46 -26.01 10.96
N GLU B 470 34.34 -24.76 10.52
CA GLU B 470 35.11 -23.62 11.04
C GLU B 470 34.78 -23.40 12.52
N MET B 471 33.51 -23.62 12.87
CA MET B 471 33.00 -23.54 14.24
C MET B 471 33.56 -24.67 15.10
N GLU B 472 33.48 -25.89 14.58
CA GLU B 472 34.02 -27.09 15.23
C GLU B 472 35.49 -26.98 15.58
N GLN B 473 36.28 -26.52 14.61
CA GLN B 473 37.74 -26.41 14.77
C GLN B 473 38.08 -25.26 15.71
N GLU B 474 37.07 -24.77 16.42
CA GLU B 474 37.23 -23.79 17.49
C GLU B 474 36.63 -24.39 18.77
N GLN B 475 37.23 -24.05 19.91
CA GLN B 475 36.75 -24.57 21.21
C GLN B 475 35.86 -23.56 21.91
#